data_9IZ3
#
_entry.id   9IZ3
#
_cell.length_a   176.991
_cell.length_b   176.991
_cell.length_c   68.600
_cell.angle_alpha   90.000
_cell.angle_beta   90.000
_cell.angle_gamma   120.000
#
_symmetry.space_group_name_H-M   'P 32 2 1'
#
loop_
_entity.id
_entity.type
_entity.pdbx_description
1 polymer 'Putative phosphonopyruvate decarboxylase alpha subunit'
2 polymer 'Putative phosphonopyruvate decarboxylase beta subunit'
3 non-polymer 'SULFATE ION'
4 water water
#
loop_
_entity_poly.entity_id
_entity_poly.type
_entity_poly.pdbx_seq_one_letter_code
_entity_poly.pdbx_strand_id
1 'polypeptide(L)'
;MGSSHHHHHHSQDPMNSTAERMLSTLTENNYTHFTGVPCSLLKGFFRLLESKEAIEKQNITFIPSIREDSALGVASGMYL
GGRKCVMLMQNSGLGYCLNVLTSFNFIYDIPILLLISWRGAYGNDAVEHDIIGEKLTDLLDSVDIPYKELDYENSEGTIL
DALFLIEKTNRPVAILIKDEI
;
A,C
2 'polypeptide(L)'
;MNKHDAIQLILGQFPSAYLVSTCGHISRDLYNINDRARNFYMVGSMGMAAPVGLGLSTVYPDVPLVVLDGDGSFLMNMGI
ITMIGHQKPKNFIHVVLDNGMHESTGGQRTVPLVNVTDIALQVGYEYAIEINSGQKSFDLPNEGPGLIHIKVEPRSEKIG
KRVHWTPQEIVQRFTNELTLENEVSV
;
B,D
#
loop_
_chem_comp.id
_chem_comp.type
_chem_comp.name
_chem_comp.formula
SO4 non-polymer 'SULFATE ION' 'O4 S -2'
#
# COMPACT_ATOMS: atom_id res chain seq x y z
N SER A 17 -2.98 17.79 27.92
CA SER A 17 -4.33 18.25 28.22
C SER A 17 -5.38 17.22 27.79
N THR A 18 -6.29 17.64 26.89
CA THR A 18 -7.30 16.78 26.30
C THR A 18 -6.71 15.43 25.88
N ALA A 19 -5.45 15.50 25.42
CA ALA A 19 -4.67 14.33 25.03
C ALA A 19 -4.46 13.39 26.21
N GLU A 20 -3.86 13.91 27.30
CA GLU A 20 -3.55 13.07 28.45
C GLU A 20 -4.82 12.52 29.09
N ARG A 21 -5.87 13.35 29.14
CA ARG A 21 -7.14 12.91 29.68
C ARG A 21 -7.65 11.67 28.96
N MET A 22 -7.55 11.67 27.62
CA MET A 22 -7.86 10.47 26.87
C MET A 22 -6.96 9.33 27.35
N LEU A 23 -5.66 9.46 27.09
CA LEU A 23 -4.71 8.35 27.26
C LEU A 23 -4.88 7.64 28.60
N SER A 24 -5.10 8.38 29.67
CA SER A 24 -5.16 7.78 31.01
C SER A 24 -6.30 6.76 31.11
N THR A 25 -7.49 7.14 30.67
CA THR A 25 -8.62 6.21 30.66
C THR A 25 -8.28 4.95 29.88
N LEU A 26 -7.78 5.12 28.65
CA LEU A 26 -7.42 3.95 27.84
C LEU A 26 -6.33 3.13 28.50
N THR A 27 -5.29 3.78 29.04
CA THR A 27 -4.17 3.03 29.60
C THR A 27 -4.54 2.25 30.85
N GLU A 28 -5.56 2.68 31.59
CA GLU A 28 -5.98 1.87 32.74
C GLU A 28 -7.16 0.97 32.42
N ASN A 29 -7.74 1.08 31.22
CA ASN A 29 -8.64 0.06 30.70
C ASN A 29 -7.92 -1.04 29.91
N ASN A 30 -6.62 -1.23 30.16
CA ASN A 30 -5.76 -2.23 29.52
C ASN A 30 -5.39 -1.89 28.08
N TYR A 31 -5.62 -0.66 27.63
CA TYR A 31 -5.29 -0.25 26.25
C TYR A 31 -3.95 0.47 26.26
N THR A 32 -2.88 -0.32 26.23
CA THR A 32 -1.52 0.20 26.28
C THR A 32 -0.76 0.02 24.97
N HIS A 33 -1.45 -0.37 23.89
CA HIS A 33 -0.80 -0.64 22.61
C HIS A 33 -1.45 0.18 21.51
N PHE A 34 -0.62 0.90 20.75
CA PHE A 34 -1.17 1.80 19.75
C PHE A 34 -0.31 1.81 18.50
N THR A 35 -0.98 1.86 17.35
CA THR A 35 -0.30 1.99 16.06
C THR A 35 -0.81 3.23 15.33
N GLY A 36 -0.08 3.62 14.29
CA GLY A 36 -0.49 4.74 13.48
C GLY A 36 0.65 5.27 12.63
N VAL A 37 0.31 6.23 11.80
CA VAL A 37 1.28 6.93 10.94
C VAL A 37 1.48 8.33 11.52
N PRO A 38 2.72 8.75 11.77
CA PRO A 38 2.96 10.13 12.22
C PRO A 38 2.42 11.15 11.23
N CYS A 39 1.77 12.17 11.77
CA CYS A 39 1.07 13.15 10.95
C CYS A 39 0.67 14.34 11.81
N SER A 40 0.56 15.51 11.17
CA SER A 40 0.46 16.78 11.88
C SER A 40 -0.82 16.92 12.69
N LEU A 41 -1.89 16.25 12.27
CA LEU A 41 -3.22 16.56 12.80
C LEU A 41 -3.40 16.07 14.23
N LEU A 42 -2.93 14.85 14.52
CA LEU A 42 -2.92 14.36 15.90
C LEU A 42 -1.50 14.27 16.43
N LYS A 43 -0.73 15.33 16.22
CA LYS A 43 0.67 15.31 16.59
C LYS A 43 0.87 15.13 18.09
N GLY A 44 -0.01 15.73 18.90
CA GLY A 44 0.18 15.71 20.33
C GLY A 44 0.12 14.31 20.93
N PHE A 45 -0.67 13.43 20.33
CA PHE A 45 -0.78 12.10 20.90
C PHE A 45 0.43 11.25 20.57
N PHE A 46 0.97 11.38 19.35
CA PHE A 46 2.26 10.78 19.05
C PHE A 46 3.34 11.31 19.98
N ARG A 47 3.34 12.63 20.18
CA ARG A 47 4.17 13.30 21.17
C ARG A 47 4.17 12.56 22.50
N LEU A 48 2.98 12.40 23.07
CA LEU A 48 2.87 11.78 24.38
C LEU A 48 3.23 10.29 24.34
N LEU A 49 2.91 9.61 23.24
CA LEU A 49 3.16 8.17 23.16
C LEU A 49 4.64 7.88 23.17
N GLU A 50 5.45 8.73 22.55
CA GLU A 50 6.89 8.59 22.58
C GLU A 50 7.52 9.41 23.70
N SER A 51 6.72 10.17 24.44
CA SER A 51 7.18 10.79 25.67
C SER A 51 7.42 9.74 26.73
N LYS A 52 6.44 8.85 26.91
CA LYS A 52 6.41 7.92 28.02
C LYS A 52 5.70 6.63 27.63
N GLN A 58 4.64 5.01 33.59
CA GLN A 58 3.64 4.53 32.64
C GLN A 58 4.30 3.85 31.44
N ASN A 59 3.85 2.64 31.12
CA ASN A 59 4.42 1.87 30.02
C ASN A 59 3.42 1.82 28.87
N ILE A 60 3.84 2.34 27.72
CA ILE A 60 3.06 2.27 26.48
C ILE A 60 3.97 1.73 25.38
N THR A 61 3.39 0.93 24.50
CA THR A 61 4.08 0.46 23.30
C THR A 61 3.40 1.06 22.08
N PHE A 62 4.16 1.81 21.30
CA PHE A 62 3.69 2.44 20.07
C PHE A 62 4.48 1.90 18.90
N ILE A 63 3.78 1.53 17.83
CA ILE A 63 4.44 1.07 16.62
C ILE A 63 4.21 2.07 15.50
N PRO A 64 5.20 2.88 15.14
CA PRO A 64 5.04 3.75 13.97
C PRO A 64 4.88 2.91 12.71
N SER A 65 3.97 3.35 11.83
CA SER A 65 3.62 2.59 10.65
C SER A 65 3.80 3.43 9.40
N ILE A 66 4.21 2.76 8.30
CA ILE A 66 4.41 3.45 7.04
C ILE A 66 3.07 3.84 6.40
N ARG A 67 2.06 2.99 6.56
CA ARG A 67 0.76 3.24 5.96
C ARG A 67 -0.32 2.67 6.86
N GLU A 68 -1.55 3.15 6.63
CA GLU A 68 -2.65 2.84 7.55
C GLU A 68 -3.01 1.36 7.53
N ASP A 69 -3.00 0.74 6.35
CA ASP A 69 -3.34 -0.68 6.27
C ASP A 69 -2.34 -1.53 7.05
N SER A 70 -1.06 -1.16 7.00
CA SER A 70 -0.07 -1.88 7.79
C SER A 70 -0.29 -1.65 9.29
N ALA A 71 -0.68 -0.43 9.66
CA ALA A 71 -1.00 -0.16 11.06
C ALA A 71 -2.17 -1.03 11.52
N LEU A 72 -3.17 -1.18 10.67
CA LEU A 72 -4.32 -2.03 11.01
C LEU A 72 -3.89 -3.49 11.14
N GLY A 73 -3.05 -3.98 10.23
CA GLY A 73 -2.57 -5.35 10.35
C GLY A 73 -1.78 -5.58 11.62
N VAL A 74 -0.90 -4.64 11.96
CA VAL A 74 -0.10 -4.77 13.17
C VAL A 74 -1.01 -4.76 14.40
N ALA A 75 -2.00 -3.87 14.41
CA ALA A 75 -2.93 -3.82 15.54
C ALA A 75 -3.72 -5.12 15.67
N SER A 76 -4.19 -5.66 14.54
CA SER A 76 -4.91 -6.93 14.57
C SER A 76 -4.04 -8.06 15.09
N GLY A 77 -2.77 -8.10 14.67
CA GLY A 77 -1.87 -9.12 15.21
C GLY A 77 -1.66 -8.96 16.71
N MET A 78 -1.49 -7.72 17.17
CA MET A 78 -1.38 -7.47 18.60
C MET A 78 -2.60 -7.97 19.34
N TYR A 79 -3.78 -7.70 18.80
CA TYR A 79 -5.01 -8.20 19.40
C TYR A 79 -5.00 -9.72 19.49
N LEU A 80 -4.55 -10.38 18.42
CA LEU A 80 -4.42 -11.84 18.46
C LEU A 80 -3.45 -12.28 19.53
N GLY A 81 -2.46 -11.45 19.84
CA GLY A 81 -1.56 -11.74 20.95
C GLY A 81 -2.21 -11.49 22.30
N GLY A 82 -3.53 -11.32 22.30
CA GLY A 82 -4.26 -11.05 23.53
C GLY A 82 -4.01 -9.67 24.10
N ARG A 83 -3.96 -8.65 23.23
CA ARG A 83 -3.63 -7.30 23.66
C ARG A 83 -4.58 -6.31 23.00
N LYS A 84 -5.28 -5.56 23.82
CA LYS A 84 -6.22 -4.56 23.33
C LYS A 84 -5.47 -3.31 22.90
N CYS A 85 -5.84 -2.80 21.73
CA CYS A 85 -5.00 -1.81 21.07
C CYS A 85 -5.87 -0.92 20.21
N VAL A 86 -5.31 0.23 19.84
CA VAL A 86 -6.04 1.22 19.05
C VAL A 86 -5.09 1.83 18.03
N MET A 87 -5.65 2.28 16.92
CA MET A 87 -4.87 2.86 15.84
C MET A 87 -5.32 4.29 15.56
N LEU A 88 -4.35 5.20 15.53
CA LEU A 88 -4.58 6.61 15.23
C LEU A 88 -4.42 6.82 13.73
N MET A 89 -5.27 7.66 13.15
CA MET A 89 -5.28 7.81 11.70
C MET A 89 -5.99 9.11 11.34
N GLN A 90 -6.14 9.34 10.03
CA GLN A 90 -6.85 10.49 9.48
C GLN A 90 -7.86 9.99 8.44
N ASN A 91 -8.78 10.88 8.06
CA ASN A 91 -9.83 10.51 7.11
C ASN A 91 -9.24 10.01 5.79
N SER A 92 -8.21 10.69 5.28
CA SER A 92 -7.64 10.33 3.98
C SER A 92 -7.13 8.89 3.97
N GLY A 93 -6.66 8.38 5.10
CA GLY A 93 -6.16 7.02 5.14
C GLY A 93 -7.22 5.96 5.13
N LEU A 94 -8.48 6.33 5.42
CA LEU A 94 -9.53 5.33 5.62
C LEU A 94 -9.66 4.40 4.44
N GLY A 95 -9.61 4.96 3.22
CA GLY A 95 -9.66 4.15 2.02
C GLY A 95 -8.75 2.94 2.08
N TYR A 96 -7.48 3.18 2.45
CA TYR A 96 -6.50 2.10 2.48
C TYR A 96 -6.95 0.97 3.39
N CYS A 97 -7.53 1.30 4.56
CA CYS A 97 -7.91 0.25 5.49
C CYS A 97 -9.20 -0.45 5.08
N LEU A 98 -10.00 0.16 4.20
CA LEU A 98 -11.38 -0.27 4.00
C LEU A 98 -11.48 -1.77 3.79
N ASN A 99 -10.89 -2.26 2.70
CA ASN A 99 -10.96 -3.70 2.40
C ASN A 99 -10.58 -4.52 3.62
N VAL A 100 -9.45 -4.19 4.26
CA VAL A 100 -9.02 -4.89 5.46
C VAL A 100 -10.18 -4.99 6.43
N LEU A 101 -10.70 -3.82 6.85
CA LEU A 101 -11.82 -3.80 7.79
C LEU A 101 -12.98 -4.65 7.30
N THR A 102 -13.30 -4.58 6.01
CA THR A 102 -14.45 -5.32 5.50
C THR A 102 -14.13 -6.78 5.22
N SER A 103 -12.86 -7.14 5.04
CA SER A 103 -12.52 -8.51 4.65
C SER A 103 -11.79 -9.28 5.73
N PHE A 104 -11.36 -8.61 6.80
CA PHE A 104 -10.58 -9.25 7.86
C PHE A 104 -11.22 -9.04 9.22
N ASN A 105 -11.20 -7.83 9.78
CA ASN A 105 -11.65 -7.63 11.15
C ASN A 105 -13.16 -7.80 11.31
N PHE A 106 -13.93 -7.51 10.27
CA PHE A 106 -15.36 -7.76 10.33
C PHE A 106 -15.71 -9.19 9.95
N ILE A 107 -14.72 -9.97 9.54
CA ILE A 107 -14.90 -11.38 9.24
C ILE A 107 -14.34 -12.27 10.34
N TYR A 108 -13.21 -11.87 10.92
CA TYR A 108 -12.61 -12.58 12.04
C TYR A 108 -13.08 -12.03 13.39
N ASP A 109 -13.84 -10.95 13.39
CA ASP A 109 -14.27 -10.27 14.62
C ASP A 109 -13.06 -9.91 15.48
N ILE A 110 -12.18 -9.10 14.90
CA ILE A 110 -11.01 -8.59 15.60
C ILE A 110 -11.24 -7.11 15.90
N PRO A 111 -11.66 -6.76 17.12
CA PRO A 111 -11.99 -5.36 17.41
C PRO A 111 -10.74 -4.50 17.53
N ILE A 112 -10.74 -3.39 16.80
CA ILE A 112 -9.72 -2.36 16.91
C ILE A 112 -10.45 -1.04 17.08
N LEU A 113 -10.00 -0.22 18.03
CA LEU A 113 -10.59 1.10 18.14
C LEU A 113 -9.92 2.01 17.12
N LEU A 114 -10.74 2.75 16.36
CA LEU A 114 -10.26 3.67 15.35
C LEU A 114 -10.61 5.08 15.78
N LEU A 115 -9.59 5.88 16.10
CA LEU A 115 -9.79 7.30 16.38
C LEU A 115 -9.45 8.07 15.10
N ILE A 116 -10.43 8.10 14.20
CA ILE A 116 -10.25 8.65 12.86
C ILE A 116 -10.39 10.15 12.91
N SER A 117 -9.34 10.87 12.49
CA SER A 117 -9.40 12.32 12.50
C SER A 117 -9.40 12.94 11.11
N GLY A 133 -16.83 15.26 6.47
CA GLY A 133 -17.67 14.58 7.45
C GLY A 133 -18.83 13.82 6.82
N GLU A 134 -19.66 14.55 6.08
CA GLU A 134 -20.77 13.94 5.35
C GLU A 134 -20.30 12.71 4.58
N LYS A 135 -19.36 12.93 3.65
CA LYS A 135 -18.74 11.87 2.87
C LYS A 135 -18.25 10.72 3.76
N LEU A 136 -17.60 11.08 4.87
CA LEU A 136 -16.98 10.07 5.72
C LEU A 136 -18.02 9.11 6.28
N THR A 137 -19.07 9.64 6.91
CA THR A 137 -20.03 8.74 7.53
C THR A 137 -20.97 8.09 6.51
N ASP A 138 -21.25 8.77 5.39
CA ASP A 138 -21.95 8.13 4.29
C ASP A 138 -21.23 6.85 3.87
N LEU A 139 -19.94 6.98 3.57
CA LEU A 139 -19.11 5.85 3.19
C LEU A 139 -19.11 4.77 4.28
N LEU A 140 -18.84 5.17 5.52
CA LEU A 140 -18.80 4.25 6.65
C LEU A 140 -20.05 3.39 6.70
N ASP A 141 -21.22 4.03 6.80
CA ASP A 141 -22.46 3.26 6.95
C ASP A 141 -22.84 2.54 5.66
N SER A 142 -22.33 2.99 4.51
CA SER A 142 -22.52 2.21 3.30
C SER A 142 -21.78 0.88 3.38
N VAL A 143 -20.62 0.86 4.04
CA VAL A 143 -19.91 -0.39 4.27
C VAL A 143 -19.96 -0.81 5.73
N ASP A 144 -20.81 -0.16 6.54
CA ASP A 144 -21.30 -0.70 7.81
C ASP A 144 -20.25 -0.78 8.92
N ILE A 145 -19.68 0.35 9.32
CA ILE A 145 -18.80 0.41 10.49
C ILE A 145 -19.38 1.44 11.46
N PRO A 146 -19.77 1.04 12.67
CA PRO A 146 -20.30 2.01 13.63
C PRO A 146 -19.30 3.11 13.94
N TYR A 147 -19.82 4.33 14.10
CA TYR A 147 -19.00 5.50 14.36
C TYR A 147 -19.68 6.38 15.39
N LYS A 148 -18.88 7.15 16.11
CA LYS A 148 -19.38 8.15 17.04
C LYS A 148 -18.53 9.41 16.92
N GLU A 149 -19.10 10.53 17.38
CA GLU A 149 -18.44 11.83 17.37
C GLU A 149 -18.04 12.18 18.80
N LEU A 150 -16.76 12.46 19.00
CA LEU A 150 -16.28 12.85 20.32
C LEU A 150 -16.55 14.32 20.57
N ASP A 151 -17.01 14.66 21.78
CA ASP A 151 -17.08 16.03 22.23
C ASP A 151 -15.98 16.23 23.26
N TYR A 152 -15.29 17.37 23.18
CA TYR A 152 -13.97 17.49 23.81
C TYR A 152 -14.10 17.71 25.31
N GLU A 153 -15.09 18.48 25.73
CA GLU A 153 -15.33 18.66 27.15
C GLU A 153 -15.72 17.34 27.82
N ASN A 154 -16.35 16.41 27.09
CA ASN A 154 -16.89 15.17 27.66
C ASN A 154 -16.17 13.97 27.02
N SER A 155 -14.83 13.95 27.15
CA SER A 155 -14.01 12.99 26.40
C SER A 155 -14.56 11.57 26.53
N GLU A 156 -14.88 11.13 27.75
CA GLU A 156 -15.02 9.70 27.98
C GLU A 156 -16.37 9.12 27.54
N GLY A 157 -17.44 9.91 27.53
CA GLY A 157 -18.74 9.35 27.13
C GLY A 157 -18.76 8.89 25.69
N THR A 158 -17.95 9.50 24.84
CA THR A 158 -17.82 8.99 23.48
C THR A 158 -16.93 7.76 23.45
N ILE A 159 -15.76 7.83 24.11
CA ILE A 159 -14.82 6.72 24.04
C ILE A 159 -15.36 5.51 24.78
N LEU A 160 -16.08 5.72 25.88
CA LEU A 160 -16.59 4.56 26.61
C LEU A 160 -17.82 3.99 25.94
N ASP A 161 -18.63 4.83 25.29
CA ASP A 161 -19.66 4.31 24.39
C ASP A 161 -19.03 3.43 23.32
N ALA A 162 -17.91 3.88 22.73
CA ALA A 162 -17.23 3.09 21.70
C ALA A 162 -16.67 1.79 22.28
N LEU A 163 -16.04 1.86 23.45
CA LEU A 163 -15.51 0.66 24.09
C LEU A 163 -16.63 -0.34 24.39
N PHE A 164 -17.76 0.15 24.91
CA PHE A 164 -18.89 -0.74 25.17
C PHE A 164 -19.36 -1.40 23.89
N LEU A 165 -19.43 -0.65 22.79
CA LEU A 165 -19.91 -1.23 21.53
C LEU A 165 -18.93 -2.27 20.99
N ILE A 166 -17.62 -2.01 21.14
CA ILE A 166 -16.68 -3.05 20.69
C ILE A 166 -16.78 -4.28 21.58
N GLU A 167 -17.11 -4.09 22.86
CA GLU A 167 -17.34 -5.25 23.73
C GLU A 167 -18.58 -6.03 23.30
N LYS A 168 -19.60 -5.33 22.82
CA LYS A 168 -20.82 -6.01 22.36
C LYS A 168 -20.60 -6.68 21.01
N THR A 169 -19.77 -6.07 20.18
CA THR A 169 -19.61 -6.40 18.76
C THR A 169 -18.45 -7.33 18.53
N ASN A 170 -17.39 -7.16 19.31
CA ASN A 170 -16.09 -7.71 18.99
C ASN A 170 -15.68 -7.33 17.57
N ARG A 171 -16.06 -6.12 17.17
CA ARG A 171 -15.70 -5.55 15.88
C ARG A 171 -15.23 -4.12 16.09
N PRO A 172 -14.40 -3.60 15.18
CA PRO A 172 -13.94 -2.21 15.33
C PRO A 172 -15.07 -1.20 15.24
N VAL A 173 -14.99 -0.18 16.11
CA VAL A 173 -15.88 0.96 16.09
C VAL A 173 -15.03 2.23 16.06
N ALA A 174 -15.47 3.22 15.28
CA ALA A 174 -14.68 4.43 15.04
C ALA A 174 -15.08 5.56 15.97
N ILE A 175 -14.09 6.30 16.45
CA ILE A 175 -14.28 7.55 17.17
C ILE A 175 -13.79 8.69 16.29
N LEU A 176 -14.65 9.67 16.06
CA LEU A 176 -14.38 10.73 15.09
C LEU A 176 -13.91 11.99 15.80
N ILE A 177 -13.10 12.78 15.08
CA ILE A 177 -12.51 14.02 15.58
C ILE A 177 -12.56 15.05 14.47
N LYS A 178 -12.60 16.33 14.85
CA LYS A 178 -12.69 17.49 13.94
C LYS A 178 -12.18 17.25 12.51
N MET B 1 10.75 -28.78 -6.61
CA MET B 1 10.04 -28.48 -5.37
C MET B 1 8.88 -27.52 -5.62
N ASN B 2 7.67 -27.97 -5.30
CA ASN B 2 6.50 -27.12 -5.42
C ASN B 2 6.21 -26.45 -4.07
N LYS B 3 5.08 -25.74 -3.99
CA LYS B 3 4.72 -25.08 -2.74
C LYS B 3 4.41 -26.08 -1.65
N HIS B 4 3.79 -27.22 -2.01
CA HIS B 4 3.60 -28.32 -1.08
C HIS B 4 4.90 -28.68 -0.39
N ASP B 5 5.95 -28.93 -1.17
CA ASP B 5 7.23 -29.34 -0.60
C ASP B 5 7.82 -28.23 0.27
N ALA B 6 7.71 -26.97 -0.18
CA ALA B 6 8.30 -25.87 0.56
C ALA B 6 7.61 -25.65 1.90
N ILE B 7 6.29 -25.78 1.93
CA ILE B 7 5.55 -25.64 3.17
C ILE B 7 5.85 -26.80 4.10
N GLN B 8 5.97 -28.02 3.57
CA GLN B 8 6.36 -29.14 4.42
C GLN B 8 7.76 -28.93 4.98
N LEU B 9 8.66 -28.35 4.18
CA LEU B 9 10.01 -28.05 4.64
C LEU B 9 9.98 -27.05 5.79
N ILE B 10 9.24 -25.96 5.62
CA ILE B 10 9.12 -24.95 6.67
C ILE B 10 8.53 -25.55 7.93
N LEU B 11 7.47 -26.35 7.79
CA LEU B 11 6.85 -26.99 8.95
C LEU B 11 7.83 -27.90 9.67
N GLY B 12 8.60 -28.69 8.91
CA GLY B 12 9.58 -29.56 9.53
C GLY B 12 10.69 -28.80 10.23
N GLN B 13 10.96 -27.56 9.78
CA GLN B 13 12.01 -26.77 10.40
C GLN B 13 11.52 -25.98 11.61
N PHE B 14 10.24 -25.59 11.62
CA PHE B 14 9.66 -24.85 12.73
C PHE B 14 8.40 -25.57 13.21
N PRO B 15 8.55 -26.74 13.83
CA PRO B 15 7.37 -27.53 14.20
C PRO B 15 6.48 -26.86 15.24
N SER B 16 7.05 -26.02 16.10
CA SER B 16 6.29 -25.40 17.19
C SER B 16 5.91 -23.95 16.92
N ALA B 17 6.19 -23.44 15.72
CA ALA B 17 5.97 -22.04 15.44
C ALA B 17 4.51 -21.75 15.14
N TYR B 18 4.10 -20.51 15.40
CA TYR B 18 2.79 -20.03 14.99
C TYR B 18 2.91 -19.48 13.57
N LEU B 19 2.02 -19.94 12.68
CA LEU B 19 2.12 -19.65 11.26
C LEU B 19 0.98 -18.72 10.86
N VAL B 20 1.33 -17.65 10.17
CA VAL B 20 0.37 -16.73 9.56
C VAL B 20 0.54 -16.86 8.06
N SER B 21 -0.45 -17.46 7.40
CA SER B 21 -0.35 -17.80 5.99
C SER B 21 -1.16 -16.82 5.15
N THR B 22 -0.55 -16.27 4.11
CA THR B 22 -1.25 -15.36 3.22
C THR B 22 -2.38 -16.09 2.50
N CYS B 23 -3.38 -15.32 2.07
CA CYS B 23 -4.55 -15.89 1.44
C CYS B 23 -4.20 -16.51 0.09
N GLY B 24 -4.98 -17.51 -0.32
CA GLY B 24 -4.81 -18.15 -1.60
C GLY B 24 -4.28 -19.57 -1.53
N HIS B 25 -3.48 -19.97 -2.52
CA HIS B 25 -2.98 -21.33 -2.58
C HIS B 25 -2.11 -21.66 -1.38
N ILE B 26 -1.44 -20.67 -0.80
CA ILE B 26 -0.52 -20.95 0.31
C ILE B 26 -1.29 -21.40 1.54
N SER B 27 -2.38 -20.70 1.88
CA SER B 27 -3.18 -21.09 3.04
C SER B 27 -3.84 -22.44 2.83
N ARG B 28 -4.42 -22.67 1.66
CA ARG B 28 -5.05 -23.95 1.37
C ARG B 28 -4.04 -25.09 1.43
N ASP B 29 -2.85 -24.88 0.85
CA ASP B 29 -1.81 -25.91 0.91
C ASP B 29 -1.42 -26.21 2.35
N LEU B 30 -1.17 -25.16 3.15
CA LEU B 30 -0.77 -25.37 4.53
C LEU B 30 -1.84 -26.13 5.29
N TYR B 31 -3.11 -25.76 5.08
CA TYR B 31 -4.21 -26.44 5.75
C TYR B 31 -4.24 -27.92 5.38
N ASN B 32 -4.06 -28.23 4.09
CA ASN B 32 -4.10 -29.64 3.67
C ASN B 32 -2.90 -30.42 4.17
N ILE B 33 -1.73 -29.78 4.28
CA ILE B 33 -0.55 -30.48 4.80
C ILE B 33 -0.80 -30.93 6.24
N ASN B 34 -1.18 -29.99 7.09
CA ASN B 34 -1.31 -30.22 8.53
C ASN B 34 -2.04 -29.06 9.16
N ASP B 35 -3.35 -29.19 9.34
CA ASP B 35 -4.15 -28.12 9.95
C ASP B 35 -3.89 -28.15 11.45
N ARG B 36 -2.95 -27.33 11.88
CA ARG B 36 -2.66 -27.17 13.30
C ARG B 36 -3.39 -25.95 13.85
N ALA B 37 -3.72 -26.01 15.15
CA ALA B 37 -4.36 -24.87 15.79
C ALA B 37 -3.47 -23.65 15.79
N ARG B 38 -2.17 -23.83 15.65
CA ARG B 38 -1.22 -22.73 15.54
C ARG B 38 -1.11 -22.16 14.13
N ASN B 39 -1.93 -22.62 13.18
CA ASN B 39 -1.96 -22.02 11.85
C ASN B 39 -3.06 -20.97 11.82
N PHE B 40 -2.69 -19.72 11.56
CA PHE B 40 -3.65 -18.65 11.36
C PHE B 40 -3.78 -18.40 9.86
N TYR B 41 -4.89 -18.86 9.28
CA TYR B 41 -5.14 -18.72 7.85
C TYR B 41 -5.80 -17.39 7.54
N MET B 42 -5.39 -16.79 6.42
CA MET B 42 -6.01 -15.57 5.92
C MET B 42 -6.98 -15.95 4.80
N VAL B 43 -8.22 -15.48 4.90
CA VAL B 43 -9.17 -15.76 3.83
C VAL B 43 -9.04 -14.73 2.71
N GLY B 44 -8.61 -13.52 3.05
CA GLY B 44 -8.34 -12.49 2.05
C GLY B 44 -7.28 -11.57 2.55
N SER B 45 -7.47 -10.27 2.32
CA SER B 45 -6.58 -9.23 2.82
C SER B 45 -5.13 -9.49 2.40
N MET B 46 -4.94 -9.73 1.11
CA MET B 46 -3.59 -9.91 0.58
C MET B 46 -2.72 -8.73 0.97
N GLY B 47 -1.58 -9.02 1.59
CA GLY B 47 -0.69 -7.99 2.09
C GLY B 47 -0.74 -7.79 3.59
N MET B 48 -1.65 -8.49 4.30
CA MET B 48 -1.82 -8.31 5.73
C MET B 48 -1.22 -9.43 6.57
N ALA B 49 -0.74 -10.52 5.95
CA ALA B 49 -0.16 -11.61 6.73
C ALA B 49 1.07 -11.13 7.50
N ALA B 50 1.92 -10.36 6.84
CA ALA B 50 3.17 -9.88 7.45
C ALA B 50 2.90 -8.84 8.54
N PRO B 51 2.00 -7.86 8.33
CA PRO B 51 1.65 -6.96 9.46
C PRO B 51 1.08 -7.68 10.66
N VAL B 52 0.14 -8.60 10.44
CA VAL B 52 -0.44 -9.35 11.56
C VAL B 52 0.64 -10.13 12.27
N GLY B 53 1.54 -10.77 11.51
CA GLY B 53 2.62 -11.50 12.13
C GLY B 53 3.56 -10.59 12.91
N LEU B 54 3.79 -9.38 12.41
CA LEU B 54 4.66 -8.44 13.11
C LEU B 54 4.04 -8.02 14.44
N GLY B 55 2.74 -7.74 14.43
CA GLY B 55 2.06 -7.44 15.69
C GLY B 55 2.17 -8.58 16.68
N LEU B 56 1.94 -9.82 16.19
CA LEU B 56 2.03 -10.99 17.05
C LEU B 56 3.42 -11.13 17.65
N SER B 57 4.46 -10.97 16.83
CA SER B 57 5.83 -11.06 17.33
C SER B 57 6.18 -9.91 18.25
N THR B 58 5.46 -8.78 18.14
CA THR B 58 5.66 -7.69 19.09
C THR B 58 5.12 -8.06 20.46
N VAL B 59 3.87 -8.54 20.52
CA VAL B 59 3.27 -8.89 21.79
C VAL B 59 3.97 -10.10 22.41
N TYR B 60 4.40 -11.06 21.59
CA TYR B 60 5.01 -12.31 22.04
C TYR B 60 6.41 -12.42 21.47
N PRO B 61 7.38 -11.67 22.01
CA PRO B 61 8.71 -11.63 21.37
C PRO B 61 9.50 -12.92 21.47
N ASP B 62 9.13 -13.85 22.34
CA ASP B 62 9.96 -15.02 22.56
C ASP B 62 9.47 -16.26 21.81
N VAL B 63 8.35 -16.18 21.11
CA VAL B 63 7.80 -17.37 20.44
C VAL B 63 8.08 -17.31 18.94
N PRO B 64 8.41 -18.44 18.31
CA PRO B 64 8.75 -18.43 16.87
C PRO B 64 7.50 -18.17 16.05
N LEU B 65 7.63 -17.26 15.08
CA LEU B 65 6.49 -16.86 14.26
C LEU B 65 6.90 -16.87 12.79
N VAL B 66 6.20 -17.65 11.99
CA VAL B 66 6.51 -17.79 10.57
C VAL B 66 5.37 -17.16 9.78
N VAL B 67 5.72 -16.18 8.94
CA VAL B 67 4.80 -15.60 7.98
C VAL B 67 5.06 -16.25 6.62
N LEU B 68 4.00 -16.72 5.98
CA LEU B 68 4.09 -17.38 4.68
C LEU B 68 3.49 -16.43 3.65
N ASP B 69 4.35 -15.67 2.97
CA ASP B 69 3.97 -14.82 1.85
C ASP B 69 4.24 -15.54 0.53
N GLY B 70 3.55 -15.12 -0.51
CA GLY B 70 3.96 -15.38 -1.87
C GLY B 70 4.65 -14.15 -2.45
N ASP B 71 5.17 -14.31 -3.67
CA ASP B 71 5.76 -13.16 -4.35
C ASP B 71 4.73 -12.05 -4.52
N GLY B 72 3.47 -12.42 -4.79
CA GLY B 72 2.45 -11.40 -4.98
C GLY B 72 2.13 -10.66 -3.69
N SER B 73 1.84 -11.40 -2.62
CA SER B 73 1.52 -10.76 -1.36
C SER B 73 2.72 -10.00 -0.81
N PHE B 74 3.93 -10.51 -1.03
CA PHE B 74 5.12 -9.77 -0.63
C PHE B 74 5.23 -8.44 -1.36
N LEU B 75 5.10 -8.47 -2.69
CA LEU B 75 5.29 -7.24 -3.46
C LEU B 75 4.17 -6.24 -3.23
N MET B 76 2.96 -6.71 -2.94
CA MET B 76 1.82 -5.82 -2.79
C MET B 76 2.00 -4.87 -1.61
N ASN B 77 2.60 -5.35 -0.52
CA ASN B 77 2.83 -4.54 0.67
C ASN B 77 4.30 -4.65 1.08
N MET B 78 5.19 -4.23 0.17
CA MET B 78 6.62 -4.42 0.43
C MET B 78 7.11 -3.57 1.58
N GLY B 79 6.54 -2.37 1.75
CA GLY B 79 6.93 -1.45 2.81
C GLY B 79 6.96 -2.05 4.20
N ILE B 80 6.18 -3.12 4.42
CA ILE B 80 6.15 -3.77 5.74
C ILE B 80 7.56 -4.13 6.19
N ILE B 81 8.44 -4.50 5.26
CA ILE B 81 9.77 -4.95 5.66
C ILE B 81 10.49 -3.84 6.42
N THR B 82 10.27 -2.58 6.03
CA THR B 82 10.92 -1.48 6.73
C THR B 82 10.59 -1.49 8.21
N MET B 83 9.34 -1.76 8.55
CA MET B 83 8.98 -1.87 9.96
C MET B 83 9.54 -3.14 10.57
N ILE B 84 9.48 -4.25 9.84
CA ILE B 84 10.02 -5.50 10.39
C ILE B 84 11.50 -5.33 10.67
N GLY B 85 12.22 -4.73 9.72
CA GLY B 85 13.64 -4.49 9.90
C GLY B 85 13.96 -3.42 10.93
N HIS B 86 13.01 -2.54 11.23
CA HIS B 86 13.25 -1.57 12.29
C HIS B 86 12.92 -2.15 13.67
N GLN B 87 11.79 -2.82 13.80
CA GLN B 87 11.42 -3.42 15.08
C GLN B 87 12.35 -4.58 15.45
N LYS B 88 12.87 -5.28 14.45
CA LYS B 88 13.77 -6.41 14.65
C LYS B 88 13.25 -7.45 15.63
N PRO B 89 12.11 -8.09 15.34
CA PRO B 89 11.66 -9.20 16.19
C PRO B 89 12.56 -10.42 16.01
N LYS B 90 13.04 -10.95 17.13
CA LYS B 90 14.11 -11.96 17.13
C LYS B 90 13.63 -13.36 16.75
N ASN B 91 12.33 -13.63 16.79
CA ASN B 91 11.80 -14.94 16.47
C ASN B 91 10.80 -14.86 15.34
N PHE B 92 11.13 -14.05 14.34
CA PHE B 92 10.28 -13.78 13.18
C PHE B 92 10.95 -14.35 11.94
N ILE B 93 10.21 -15.16 11.19
CA ILE B 93 10.71 -15.81 9.98
C ILE B 93 9.78 -15.44 8.85
N HIS B 94 10.30 -14.69 7.88
CA HIS B 94 9.54 -14.27 6.71
C HIS B 94 9.87 -15.21 5.56
N VAL B 95 8.91 -16.06 5.20
CA VAL B 95 9.06 -16.98 4.07
C VAL B 95 8.38 -16.37 2.87
N VAL B 96 9.08 -16.36 1.74
CA VAL B 96 8.53 -15.87 0.47
C VAL B 96 8.56 -17.03 -0.51
N LEU B 97 7.40 -17.63 -0.77
CA LEU B 97 7.27 -18.69 -1.76
C LEU B 97 7.10 -18.05 -3.13
N ASP B 98 8.12 -18.17 -3.97
CA ASP B 98 8.25 -17.39 -5.20
C ASP B 98 8.21 -18.34 -6.39
N ASN B 99 7.15 -18.27 -7.18
CA ASN B 99 7.01 -19.11 -8.37
C ASN B 99 7.14 -18.32 -9.67
N GLY B 100 7.98 -17.30 -9.69
CA GLY B 100 8.22 -16.54 -10.90
C GLY B 100 8.78 -17.43 -12.00
N MET B 101 8.24 -17.28 -13.21
CA MET B 101 8.63 -18.12 -14.34
C MET B 101 10.13 -18.06 -14.60
N ARG B 109 5.44 -10.79 -17.69
CA ARG B 109 4.06 -11.08 -17.35
C ARG B 109 3.66 -10.41 -16.04
N THR B 110 4.64 -10.20 -15.17
CA THR B 110 4.42 -9.66 -13.84
C THR B 110 5.63 -8.82 -13.45
N VAL B 111 5.46 -8.07 -12.36
CA VAL B 111 6.62 -7.42 -11.72
C VAL B 111 7.44 -8.51 -11.04
N PRO B 112 8.68 -8.74 -11.45
CA PRO B 112 9.47 -9.82 -10.86
C PRO B 112 9.94 -9.46 -9.45
N LEU B 113 10.21 -10.50 -8.68
CA LEU B 113 10.81 -10.37 -7.36
C LEU B 113 12.31 -10.57 -7.51
N VAL B 114 13.07 -9.49 -7.32
CA VAL B 114 14.51 -9.51 -7.56
C VAL B 114 15.21 -9.07 -6.29
N ASN B 115 16.33 -9.75 -6.00
CA ASN B 115 17.22 -9.38 -4.89
C ASN B 115 16.49 -9.26 -3.56
N VAL B 116 15.52 -10.13 -3.31
CA VAL B 116 14.72 -10.00 -2.09
C VAL B 116 15.59 -10.20 -0.84
N THR B 117 16.56 -11.12 -0.90
CA THR B 117 17.39 -11.35 0.29
C THR B 117 18.28 -10.15 0.58
N ASP B 118 18.89 -9.60 -0.48
CA ASP B 118 19.71 -8.40 -0.31
C ASP B 118 18.91 -7.26 0.28
N ILE B 119 17.68 -7.04 -0.21
CA ILE B 119 16.86 -5.92 0.26
C ILE B 119 16.42 -6.14 1.71
N ALA B 120 16.06 -7.39 2.05
CA ALA B 120 15.73 -7.70 3.43
C ALA B 120 16.91 -7.36 4.35
N LEU B 121 18.12 -7.73 3.94
CA LEU B 121 19.30 -7.36 4.72
C LEU B 121 19.47 -5.84 4.78
N GLN B 122 19.18 -5.16 3.67
CA GLN B 122 19.33 -3.71 3.61
C GLN B 122 18.45 -3.00 4.63
N VAL B 123 17.20 -3.47 4.78
CA VAL B 123 16.28 -2.80 5.69
C VAL B 123 16.42 -3.24 7.14
N GLY B 124 17.36 -4.13 7.45
CA GLY B 124 17.66 -4.47 8.82
C GLY B 124 17.38 -5.91 9.25
N TYR B 125 17.02 -6.79 8.33
CA TYR B 125 16.84 -8.19 8.72
C TYR B 125 18.16 -8.77 9.19
N GLU B 126 18.07 -9.72 10.12
CA GLU B 126 19.28 -10.30 10.68
C GLU B 126 19.93 -11.25 9.68
N TYR B 127 19.12 -11.96 8.89
CA TYR B 127 19.68 -12.85 7.88
C TYR B 127 18.66 -13.04 6.77
N ALA B 128 19.15 -13.45 5.61
CA ALA B 128 18.27 -13.73 4.48
C ALA B 128 18.95 -14.74 3.58
N ILE B 129 18.24 -15.81 3.26
CA ILE B 129 18.80 -16.92 2.48
C ILE B 129 17.83 -17.29 1.38
N GLU B 130 18.36 -18.01 0.39
CA GLU B 130 17.59 -18.49 -0.74
C GLU B 130 17.72 -20.00 -0.83
N ILE B 131 16.62 -20.67 -1.14
CA ILE B 131 16.58 -22.12 -1.29
C ILE B 131 15.93 -22.44 -2.63
N ASN B 132 16.61 -23.24 -3.44
CA ASN B 132 16.10 -23.65 -4.75
C ASN B 132 15.62 -25.09 -4.78
N SER B 133 16.21 -25.97 -3.97
CA SER B 133 15.89 -27.39 -4.02
C SER B 133 15.92 -27.96 -2.62
N GLY B 134 15.33 -29.15 -2.48
CA GLY B 134 15.36 -29.86 -1.21
C GLY B 134 16.77 -30.19 -0.79
N GLN B 135 17.19 -29.66 0.36
CA GLN B 135 18.52 -29.89 0.90
C GLN B 135 18.42 -30.76 2.14
N LYS B 136 19.47 -31.55 2.38
CA LYS B 136 19.53 -32.38 3.58
C LYS B 136 19.29 -31.55 4.82
N SER B 137 20.02 -30.44 4.95
CA SER B 137 19.83 -29.51 6.04
C SER B 137 20.17 -28.12 5.54
N PHE B 138 19.70 -27.13 6.27
CA PHE B 138 20.25 -25.79 6.17
C PHE B 138 20.28 -25.23 7.56
N ASP B 139 21.40 -24.63 7.93
CA ASP B 139 21.56 -24.07 9.25
C ASP B 139 21.08 -22.63 9.21
N LEU B 140 20.08 -22.33 10.03
CA LEU B 140 19.52 -20.99 10.10
C LEU B 140 19.90 -20.35 11.44
N PRO B 141 20.45 -19.14 11.43
CA PRO B 141 20.73 -18.46 12.70
C PRO B 141 19.48 -18.39 13.56
N ASN B 142 19.61 -18.80 14.82
CA ASN B 142 18.43 -18.90 15.67
C ASN B 142 17.85 -17.52 16.02
N GLU B 143 18.53 -16.44 15.67
CA GLU B 143 18.05 -15.09 15.96
C GLU B 143 17.60 -14.42 14.68
N GLY B 144 16.30 -14.14 14.56
CA GLY B 144 15.77 -13.39 13.45
C GLY B 144 15.92 -11.90 13.64
N PRO B 145 15.24 -11.10 12.81
CA PRO B 145 14.31 -11.54 11.75
C PRO B 145 15.04 -12.07 10.53
N GLY B 146 14.53 -13.16 9.99
CA GLY B 146 15.18 -13.83 8.88
C GLY B 146 14.21 -14.04 7.75
N LEU B 147 14.68 -13.82 6.53
CA LEU B 147 13.89 -14.06 5.33
C LEU B 147 14.35 -15.33 4.67
N ILE B 148 13.38 -16.14 4.24
CA ILE B 148 13.65 -17.39 3.55
C ILE B 148 12.96 -17.30 2.19
N HIS B 149 13.74 -17.06 1.14
CA HIS B 149 13.23 -16.98 -0.22
C HIS B 149 13.30 -18.37 -0.85
N ILE B 150 12.15 -18.97 -1.13
CA ILE B 150 12.08 -20.33 -1.67
C ILE B 150 11.47 -20.27 -3.06
N LYS B 151 12.24 -20.66 -4.06
CA LYS B 151 11.73 -20.72 -5.43
C LYS B 151 10.98 -22.03 -5.64
N VAL B 152 9.72 -21.94 -6.04
CA VAL B 152 8.87 -23.10 -6.24
C VAL B 152 8.35 -23.09 -7.67
N GLU B 153 8.00 -24.28 -8.15
CA GLU B 153 7.38 -24.43 -9.47
C GLU B 153 5.99 -25.02 -9.28
N PRO B 154 4.93 -24.27 -9.59
CA PRO B 154 3.58 -24.75 -9.28
C PRO B 154 3.23 -26.03 -10.03
N ARG B 155 2.33 -26.80 -9.43
CA ARG B 155 1.85 -28.03 -10.03
C ARG B 155 0.41 -27.89 -10.53
N ILE B 159 -5.77 -28.49 -6.38
CA ILE B 159 -5.90 -29.66 -5.53
C ILE B 159 -6.08 -29.23 -4.07
N GLY B 160 -6.59 -30.14 -3.25
CA GLY B 160 -6.73 -29.90 -1.84
C GLY B 160 -8.13 -29.51 -1.44
N LYS B 161 -8.62 -30.06 -0.34
CA LYS B 161 -9.93 -29.68 0.16
C LYS B 161 -9.90 -28.23 0.63
N ARG B 162 -10.95 -27.49 0.29
CA ARG B 162 -11.08 -26.11 0.74
C ARG B 162 -11.13 -26.07 2.26
N VAL B 163 -10.54 -25.02 2.83
CA VAL B 163 -10.37 -24.94 4.27
C VAL B 163 -11.75 -24.84 4.94
N HIS B 164 -12.03 -25.77 5.85
CA HIS B 164 -13.32 -25.84 6.52
C HIS B 164 -13.19 -25.46 8.00
N TRP B 165 -12.83 -24.20 8.24
CA TRP B 165 -12.92 -23.58 9.57
C TRP B 165 -13.42 -22.17 9.36
N THR B 166 -14.45 -21.78 10.11
CA THR B 166 -14.88 -20.40 10.01
C THR B 166 -13.81 -19.49 10.60
N PRO B 167 -13.66 -18.28 10.07
CA PRO B 167 -12.66 -17.35 10.61
C PRO B 167 -12.70 -17.17 12.12
N GLN B 168 -13.90 -17.16 12.71
CA GLN B 168 -14.00 -17.02 14.17
C GLN B 168 -13.41 -18.24 14.87
N GLU B 169 -13.66 -19.43 14.33
CA GLU B 169 -13.05 -20.64 14.90
C GLU B 169 -11.53 -20.60 14.77
N ILE B 170 -11.03 -20.13 13.62
CA ILE B 170 -9.59 -19.95 13.45
C ILE B 170 -9.03 -19.06 14.56
N VAL B 171 -9.68 -17.90 14.76
CA VAL B 171 -9.24 -16.96 15.78
C VAL B 171 -9.20 -17.64 17.15
N GLN B 172 -10.28 -18.33 17.51
CA GLN B 172 -10.39 -18.91 18.85
C GLN B 172 -9.33 -19.98 19.08
N ARG B 173 -9.23 -20.95 18.15
CA ARG B 173 -8.20 -21.98 18.27
C ARG B 173 -6.81 -21.37 18.39
N PHE B 174 -6.49 -20.43 17.50
CA PHE B 174 -5.14 -19.87 17.43
C PHE B 174 -4.79 -19.11 18.70
N THR B 175 -5.67 -18.20 19.14
CA THR B 175 -5.36 -17.42 20.33
C THR B 175 -5.39 -18.28 21.59
N ASN B 176 -6.24 -19.32 21.63
CA ASN B 176 -6.23 -20.22 22.78
C ASN B 176 -4.89 -20.93 22.89
N GLU B 177 -4.39 -21.46 21.77
CA GLU B 177 -3.07 -22.06 21.76
C GLU B 177 -2.02 -21.08 22.29
N LEU B 178 -2.02 -19.86 21.74
CA LEU B 178 -1.05 -18.84 22.15
C LEU B 178 -1.09 -18.60 23.65
N THR B 179 -2.30 -18.38 24.18
CA THR B 179 -2.44 -18.05 25.60
C THR B 179 -1.97 -19.20 26.48
N LEU B 180 -2.43 -20.42 26.18
CA LEU B 180 -2.15 -21.51 27.11
C LEU B 180 -0.71 -21.97 27.03
N GLU B 181 -0.04 -21.79 25.91
CA GLU B 181 1.33 -22.30 25.84
C GLU B 181 2.37 -21.28 26.22
N ASN B 182 1.97 -20.15 26.79
CA ASN B 182 2.94 -19.19 27.28
C ASN B 182 2.70 -18.85 28.75
N GLU B 183 1.81 -17.89 29.02
CA GLU B 183 1.64 -17.42 30.39
C GLU B 183 1.09 -18.52 31.30
N VAL B 184 0.15 -19.31 30.80
CA VAL B 184 -0.43 -20.40 31.59
C VAL B 184 0.22 -21.73 31.22
N SER C 17 -13.63 -16.90 -25.72
CA SER C 17 -13.53 -15.80 -26.68
C SER C 17 -14.04 -14.48 -26.09
N THR C 18 -14.95 -14.57 -25.13
CA THR C 18 -15.68 -13.40 -24.68
C THR C 18 -14.76 -12.24 -24.31
N ALA C 19 -13.57 -12.53 -23.76
CA ALA C 19 -12.64 -11.46 -23.42
C ALA C 19 -11.99 -10.87 -24.67
N GLU C 20 -11.71 -11.71 -25.67
CA GLU C 20 -11.23 -11.24 -26.96
C GLU C 20 -12.12 -10.12 -27.50
N ARG C 21 -13.44 -10.28 -27.38
CA ARG C 21 -14.37 -9.31 -27.96
C ARG C 21 -14.22 -7.94 -27.32
N MET C 22 -14.13 -7.89 -25.99
CA MET C 22 -14.08 -6.61 -25.28
C MET C 22 -12.81 -5.83 -25.62
N LEU C 23 -11.65 -6.51 -25.62
CA LEU C 23 -10.40 -5.83 -25.92
C LEU C 23 -10.35 -5.41 -27.39
N SER C 24 -10.80 -6.28 -28.29
CA SER C 24 -10.91 -5.89 -29.70
C SER C 24 -11.81 -4.68 -29.85
N THR C 25 -12.85 -4.57 -29.02
CA THR C 25 -13.67 -3.37 -29.04
C THR C 25 -12.89 -2.17 -28.53
N LEU C 26 -12.06 -2.37 -27.50
CA LEU C 26 -11.48 -1.26 -26.77
C LEU C 26 -10.38 -0.56 -27.57
N THR C 27 -9.59 -1.33 -28.32
CA THR C 27 -8.49 -0.70 -29.06
C THR C 27 -9.01 0.42 -29.97
N GLU C 28 -10.19 0.24 -30.56
CA GLU C 28 -10.63 1.11 -31.64
C GLU C 28 -10.89 2.53 -31.17
N ASN C 29 -11.26 2.70 -29.91
CA ASN C 29 -11.65 4.00 -29.39
C ASN C 29 -10.49 4.74 -28.75
N ASN C 30 -9.26 4.31 -29.05
CA ASN C 30 -8.02 4.98 -28.61
C ASN C 30 -7.76 4.79 -27.12
N TYR C 31 -8.19 3.67 -26.55
CA TYR C 31 -7.81 3.27 -25.19
C TYR C 31 -6.89 2.05 -25.32
N THR C 32 -5.59 2.28 -25.12
CA THR C 32 -4.58 1.25 -25.38
C THR C 32 -3.54 1.12 -24.28
N HIS C 33 -3.65 1.88 -23.18
CA HIS C 33 -2.70 1.88 -22.07
C HIS C 33 -3.40 1.30 -20.85
N PHE C 34 -3.01 0.09 -20.46
CA PHE C 34 -3.74 -0.68 -19.45
C PHE C 34 -2.79 -1.01 -18.31
N THR C 35 -3.31 -0.84 -17.09
CA THR C 35 -2.58 -1.20 -15.88
C THR C 35 -3.50 -1.98 -14.95
N GLY C 36 -2.89 -2.57 -13.94
CA GLY C 36 -3.57 -3.48 -13.04
C GLY C 36 -2.60 -4.51 -12.52
N VAL C 37 -2.99 -5.17 -11.45
CA VAL C 37 -2.15 -6.19 -10.83
C VAL C 37 -2.65 -7.56 -11.30
N PRO C 38 -1.78 -8.43 -11.81
CA PRO C 38 -2.25 -9.68 -12.41
C PRO C 38 -2.85 -10.62 -11.37
N CYS C 39 -3.87 -11.35 -11.79
CA CYS C 39 -4.57 -12.28 -10.90
C CYS C 39 -5.36 -13.26 -11.75
N SER C 40 -5.71 -14.40 -11.15
CA SER C 40 -6.26 -15.52 -11.89
C SER C 40 -7.75 -15.36 -12.20
N LEU C 41 -8.43 -14.34 -11.67
CA LEU C 41 -9.84 -14.17 -12.00
C LEU C 41 -9.99 -13.57 -13.40
N LEU C 42 -9.21 -12.54 -13.72
CA LEU C 42 -9.11 -12.01 -15.07
C LEU C 42 -7.96 -12.65 -15.83
N LYS C 43 -7.81 -13.96 -15.67
CA LYS C 43 -6.67 -14.69 -16.22
C LYS C 43 -6.67 -14.61 -17.75
N GLY C 44 -7.83 -14.79 -18.36
CA GLY C 44 -7.90 -14.75 -19.81
C GLY C 44 -7.61 -13.38 -20.39
N PHE C 45 -8.26 -12.36 -19.86
CA PHE C 45 -7.97 -11.00 -20.31
C PHE C 45 -6.47 -10.73 -20.24
N PHE C 46 -5.88 -10.81 -19.03
CA PHE C 46 -4.46 -10.57 -18.85
C PHE C 46 -3.61 -11.36 -19.84
N ARG C 47 -3.90 -12.65 -20.01
CA ARG C 47 -3.11 -13.45 -20.95
C ARG C 47 -3.16 -12.87 -22.35
N LEU C 48 -4.28 -12.22 -22.72
CA LEU C 48 -4.33 -11.58 -24.04
C LEU C 48 -3.34 -10.44 -24.15
N LEU C 49 -3.23 -9.60 -23.11
CA LEU C 49 -2.30 -8.48 -23.15
C LEU C 49 -0.85 -8.94 -23.16
N GLU C 50 -0.55 -10.05 -22.48
CA GLU C 50 0.83 -10.51 -22.40
C GLU C 50 1.32 -11.06 -23.73
N SER C 51 0.44 -11.66 -24.52
CA SER C 51 0.82 -12.22 -25.81
C SER C 51 0.59 -11.20 -26.92
N LYS C 52 1.10 -11.54 -28.10
CA LYS C 52 0.96 -10.69 -29.28
C LYS C 52 1.34 -11.43 -30.56
N GLN C 58 -1.94 -3.71 -33.33
CA GLN C 58 -2.45 -3.12 -32.10
C GLN C 58 -1.28 -2.75 -31.17
N ASN C 59 -1.26 -1.51 -30.68
CA ASN C 59 -0.12 -1.05 -29.88
C ASN C 59 -0.37 -1.18 -28.38
N ILE C 60 -0.85 -2.37 -28.00
CA ILE C 60 -1.14 -2.68 -26.60
C ILE C 60 0.01 -2.25 -25.72
N THR C 61 -0.29 -1.45 -24.70
CA THR C 61 0.66 -1.08 -23.65
C THR C 61 0.08 -1.56 -22.32
N PHE C 62 0.75 -2.50 -21.67
CA PHE C 62 0.30 -2.99 -20.36
C PHE C 62 1.43 -2.89 -19.35
N ILE C 63 1.16 -2.20 -18.25
CA ILE C 63 2.11 -2.02 -17.15
C ILE C 63 1.61 -2.80 -15.93
N PRO C 64 2.14 -3.99 -15.67
CA PRO C 64 1.72 -4.73 -14.47
C PRO C 64 2.07 -3.95 -13.21
N SER C 65 1.17 -3.98 -12.24
CA SER C 65 1.33 -3.23 -11.01
C SER C 65 1.40 -4.19 -9.82
N ILE C 66 1.96 -3.69 -8.72
CA ILE C 66 2.03 -4.50 -7.50
C ILE C 66 0.72 -4.45 -6.73
N ARG C 67 0.10 -3.27 -6.66
CA ARG C 67 -1.20 -3.15 -6.02
C ARG C 67 -1.97 -2.00 -6.68
N GLU C 68 -3.25 -1.88 -6.31
CA GLU C 68 -4.20 -1.14 -7.12
C GLU C 68 -3.93 0.37 -7.11
N ASP C 69 -3.44 0.91 -5.99
CA ASP C 69 -3.25 2.35 -5.94
C ASP C 69 -2.12 2.80 -6.85
N SER C 70 -1.05 2.01 -6.95
CA SER C 70 0.02 2.31 -7.89
C SER C 70 -0.45 2.15 -9.33
N ALA C 71 -1.31 1.17 -9.58
CA ALA C 71 -1.90 0.99 -10.92
C ALA C 71 -2.69 2.22 -11.32
N LEU C 72 -3.56 2.70 -10.43
CA LEU C 72 -4.33 3.91 -10.71
C LEU C 72 -3.41 5.11 -10.91
N GLY C 73 -2.32 5.18 -10.15
CA GLY C 73 -1.35 6.25 -10.35
C GLY C 73 -0.74 6.26 -11.75
N VAL C 74 -0.19 5.13 -12.17
CA VAL C 74 0.45 5.10 -13.49
C VAL C 74 -0.59 5.24 -14.59
N ALA C 75 -1.82 4.76 -14.38
CA ALA C 75 -2.88 4.97 -15.36
C ALA C 75 -3.19 6.46 -15.50
N SER C 76 -3.36 7.15 -14.36
CA SER C 76 -3.53 8.60 -14.41
C SER C 76 -2.41 9.24 -15.20
N GLY C 77 -1.16 8.86 -14.90
CA GLY C 77 -0.03 9.48 -15.57
C GLY C 77 -0.08 9.30 -17.07
N MET C 78 -0.31 8.06 -17.52
CA MET C 78 -0.45 7.82 -18.95
C MET C 78 -1.61 8.61 -19.54
N TYR C 79 -2.66 8.86 -18.77
CA TYR C 79 -3.73 9.73 -19.24
C TYR C 79 -3.20 11.13 -19.51
N LEU C 80 -2.58 11.74 -18.50
CA LEU C 80 -2.00 13.08 -18.67
C LEU C 80 -0.95 13.11 -19.77
N GLY C 81 -0.40 11.96 -20.14
CA GLY C 81 0.48 11.90 -21.28
C GLY C 81 -0.27 11.88 -22.60
N GLY C 82 -1.53 12.29 -22.57
CA GLY C 82 -2.33 12.39 -23.78
C GLY C 82 -3.08 11.12 -24.12
N ARG C 83 -2.49 9.97 -23.79
CA ARG C 83 -3.12 8.70 -24.10
C ARG C 83 -4.27 8.41 -23.13
N LYS C 84 -5.10 7.45 -23.50
CA LYS C 84 -6.29 7.09 -22.73
C LYS C 84 -6.16 5.65 -22.28
N CYS C 85 -6.48 5.41 -21.01
CA CYS C 85 -6.03 4.23 -20.30
C CYS C 85 -7.18 3.54 -19.57
N VAL C 86 -7.07 2.22 -19.41
CA VAL C 86 -7.98 1.46 -18.58
C VAL C 86 -7.22 0.95 -17.36
N MET C 87 -7.95 0.36 -16.42
CA MET C 87 -7.36 -0.29 -15.25
C MET C 87 -8.16 -1.53 -14.90
N LEU C 88 -7.56 -2.70 -15.09
CA LEU C 88 -8.13 -3.93 -14.57
C LEU C 88 -7.93 -4.00 -13.06
N MET C 89 -8.95 -4.47 -12.35
CA MET C 89 -8.87 -4.56 -10.90
C MET C 89 -9.91 -5.53 -10.37
N GLN C 90 -9.59 -6.15 -9.24
CA GLN C 90 -10.54 -6.99 -8.53
C GLN C 90 -11.35 -6.15 -7.55
N ASN C 91 -12.49 -6.69 -7.13
CA ASN C 91 -13.35 -6.03 -6.16
C ASN C 91 -12.56 -5.59 -4.93
N SER C 92 -11.81 -6.54 -4.34
CA SER C 92 -10.99 -6.27 -3.16
C SER C 92 -10.11 -5.04 -3.32
N GLY C 93 -9.63 -4.78 -4.54
CA GLY C 93 -8.70 -3.69 -4.74
C GLY C 93 -9.31 -2.31 -4.55
N LEU C 94 -10.63 -2.19 -4.62
CA LEU C 94 -11.25 -0.86 -4.65
C LEU C 94 -10.75 0.02 -3.51
N GLY C 95 -10.83 -0.49 -2.28
CA GLY C 95 -10.39 0.29 -1.13
C GLY C 95 -9.02 0.91 -1.31
N TYR C 96 -8.07 0.12 -1.81
CA TYR C 96 -6.69 0.57 -1.91
C TYR C 96 -6.55 1.85 -2.72
N CYS C 97 -7.47 2.09 -3.66
CA CYS C 97 -7.42 3.30 -4.46
C CYS C 97 -8.60 4.21 -4.23
N LEU C 98 -9.56 3.82 -3.38
CA LEU C 98 -10.77 4.61 -3.18
C LEU C 98 -10.43 6.06 -2.90
N ASN C 99 -9.59 6.31 -1.90
CA ASN C 99 -9.21 7.68 -1.56
C ASN C 99 -8.64 8.41 -2.77
N VAL C 100 -7.69 7.80 -3.48
CA VAL C 100 -7.07 8.51 -4.59
C VAL C 100 -8.09 8.73 -5.70
N LEU C 101 -9.11 7.87 -5.78
CA LEU C 101 -10.21 8.14 -6.71
C LEU C 101 -10.96 9.42 -6.30
N THR C 102 -11.23 9.58 -5.00
CA THR C 102 -12.03 10.71 -4.56
C THR C 102 -11.21 11.98 -4.38
N SER C 103 -9.98 11.85 -3.88
CA SER C 103 -9.20 13.01 -3.48
C SER C 103 -8.16 13.44 -4.49
N PHE C 104 -7.94 12.69 -5.55
CA PHE C 104 -7.01 13.09 -6.61
C PHE C 104 -7.68 13.16 -7.96
N ASN C 105 -8.19 12.03 -8.46
CA ASN C 105 -8.79 12.01 -9.79
C ASN C 105 -9.88 13.06 -9.92
N PHE C 106 -10.82 13.07 -8.96
CA PHE C 106 -12.01 13.89 -9.12
C PHE C 106 -11.73 15.38 -8.96
N ILE C 107 -10.78 15.75 -8.10
CA ILE C 107 -10.57 17.18 -7.90
C ILE C 107 -9.56 17.71 -8.90
N TYR C 108 -8.66 16.87 -9.35
CA TYR C 108 -7.82 17.20 -10.49
C TYR C 108 -8.49 16.89 -11.82
N ASP C 109 -9.65 16.25 -11.81
CA ASP C 109 -10.43 15.96 -13.01
C ASP C 109 -9.61 15.13 -14.03
N ILE C 110 -9.29 13.90 -13.63
CA ILE C 110 -8.64 12.93 -14.51
C ILE C 110 -9.53 11.70 -14.64
N PRO C 111 -9.98 11.34 -15.83
CA PRO C 111 -10.82 10.16 -15.95
C PRO C 111 -10.03 8.89 -16.27
N ILE C 112 -10.45 7.80 -15.67
CA ILE C 112 -9.94 6.46 -15.95
C ILE C 112 -11.15 5.55 -16.02
N LEU C 113 -11.14 4.58 -16.93
CA LEU C 113 -12.18 3.57 -16.96
C LEU C 113 -11.71 2.37 -16.17
N LEU C 114 -12.50 1.96 -15.19
CA LEU C 114 -12.19 0.85 -14.29
C LEU C 114 -13.08 -0.34 -14.65
N LEU C 115 -12.52 -1.55 -14.70
CA LEU C 115 -13.35 -2.75 -14.84
C LEU C 115 -13.16 -3.60 -13.60
N ILE C 116 -14.04 -3.35 -12.63
CA ILE C 116 -13.96 -4.02 -11.34
C ILE C 116 -14.67 -5.36 -11.46
N SER C 117 -13.93 -6.44 -11.21
CA SER C 117 -14.48 -7.78 -11.24
C SER C 117 -14.66 -8.30 -9.81
N TRP C 118 -15.53 -9.31 -9.67
CA TRP C 118 -15.74 -9.94 -8.37
C TRP C 118 -16.18 -11.39 -8.56
N ARG C 119 -16.10 -12.14 -7.46
CA ARG C 119 -16.33 -13.59 -7.42
C ARG C 119 -15.73 -14.32 -8.61
N GLY C 133 -20.61 -7.43 -4.75
CA GLY C 133 -21.81 -7.17 -5.54
C GLY C 133 -22.58 -5.96 -5.06
N GLU C 134 -23.62 -6.20 -4.27
CA GLU C 134 -24.53 -5.14 -3.86
C GLU C 134 -23.82 -4.08 -3.03
N LYS C 135 -23.02 -4.52 -2.04
CA LYS C 135 -22.25 -3.59 -1.21
C LYS C 135 -21.23 -2.81 -2.05
N LEU C 136 -20.79 -3.40 -3.15
CA LEU C 136 -19.85 -2.70 -4.02
C LEU C 136 -20.54 -1.56 -4.76
N THR C 137 -21.76 -1.80 -5.24
CA THR C 137 -22.56 -0.70 -5.80
C THR C 137 -22.91 0.32 -4.72
N ASP C 138 -23.25 -0.16 -3.50
CA ASP C 138 -23.35 0.72 -2.34
C ASP C 138 -22.21 1.72 -2.34
N LEU C 139 -20.98 1.21 -2.37
CA LEU C 139 -19.80 2.05 -2.21
C LEU C 139 -19.63 3.01 -3.38
N LEU C 140 -19.77 2.48 -4.61
CA LEU C 140 -19.69 3.32 -5.80
C LEU C 140 -20.67 4.49 -5.71
N ASP C 141 -21.90 4.22 -5.27
CA ASP C 141 -22.87 5.28 -5.05
C ASP C 141 -22.41 6.23 -3.95
N SER C 142 -21.77 5.68 -2.92
CA SER C 142 -21.32 6.51 -1.80
C SER C 142 -20.33 7.57 -2.25
N VAL C 143 -19.41 7.22 -3.15
CA VAL C 143 -18.35 8.16 -3.54
C VAL C 143 -18.64 8.84 -4.87
N ASP C 144 -19.84 8.71 -5.42
CA ASP C 144 -20.25 9.37 -6.66
C ASP C 144 -19.43 8.88 -7.86
N ILE C 145 -19.35 7.55 -8.00
CA ILE C 145 -18.67 6.95 -9.15
C ILE C 145 -19.66 6.15 -9.96
N PRO C 146 -20.01 6.60 -11.16
CA PRO C 146 -20.96 5.84 -11.99
C PRO C 146 -20.39 4.50 -12.43
N TYR C 147 -21.30 3.63 -12.83
CA TYR C 147 -20.97 2.23 -13.06
C TYR C 147 -22.08 1.59 -13.88
N LYS C 148 -21.77 0.44 -14.48
CA LYS C 148 -22.82 -0.38 -15.05
C LYS C 148 -22.30 -1.77 -15.33
N GLU C 149 -23.16 -2.75 -15.11
CA GLU C 149 -22.79 -4.15 -15.26
C GLU C 149 -22.69 -4.52 -16.73
N LEU C 150 -21.92 -5.57 -17.02
CA LEU C 150 -21.65 -5.93 -18.40
C LEU C 150 -22.73 -6.86 -18.93
N ASP C 151 -23.16 -6.59 -20.15
CA ASP C 151 -24.18 -7.40 -20.79
C ASP C 151 -23.58 -8.70 -21.28
N TYR C 152 -24.46 -9.71 -21.42
CA TYR C 152 -24.06 -11.02 -21.92
C TYR C 152 -23.12 -10.92 -23.10
N GLU C 153 -23.52 -10.12 -24.07
CA GLU C 153 -22.95 -10.13 -25.40
C GLU C 153 -22.03 -8.93 -25.60
N ASN C 154 -22.61 -7.74 -25.55
CA ASN C 154 -21.90 -6.53 -25.92
C ASN C 154 -22.24 -5.46 -24.90
N SER C 155 -21.25 -5.04 -24.10
CA SER C 155 -21.43 -3.92 -23.18
C SER C 155 -20.71 -2.68 -23.69
N GLU C 156 -20.43 -2.64 -25.00
CA GLU C 156 -20.04 -1.41 -25.69
C GLU C 156 -20.97 -0.27 -25.32
N GLY C 157 -22.24 -0.58 -25.11
CA GLY C 157 -23.22 0.35 -24.60
C GLY C 157 -22.65 1.20 -23.49
N THR C 158 -22.16 0.57 -22.43
CA THR C 158 -21.63 1.35 -21.33
C THR C 158 -20.13 1.56 -21.41
N ILE C 159 -19.40 0.87 -22.29
CA ILE C 159 -18.06 1.36 -22.61
C ILE C 159 -18.15 2.80 -23.09
N LEU C 160 -19.03 3.08 -24.04
CA LEU C 160 -19.16 4.44 -24.54
C LEU C 160 -20.14 5.30 -23.76
N ASP C 161 -21.07 4.72 -23.00
CA ASP C 161 -21.76 5.49 -21.98
C ASP C 161 -20.77 6.05 -20.97
N ALA C 162 -20.04 5.15 -20.31
CA ALA C 162 -18.80 5.43 -19.62
C ALA C 162 -17.99 6.52 -20.30
N LEU C 163 -17.67 6.33 -21.58
CA LEU C 163 -16.78 7.25 -22.27
C LEU C 163 -17.41 8.63 -22.41
N PHE C 164 -18.68 8.70 -22.75
CA PHE C 164 -19.30 10.02 -22.93
C PHE C 164 -19.58 10.68 -21.60
N LEU C 165 -19.81 9.89 -20.54
CA LEU C 165 -19.79 10.43 -19.19
C LEU C 165 -18.42 11.00 -18.89
N ILE C 166 -17.36 10.29 -19.29
CA ILE C 166 -15.98 10.76 -19.14
C ILE C 166 -15.83 12.12 -19.81
N GLU C 167 -16.26 12.22 -21.07
CA GLU C 167 -16.15 13.47 -21.82
C GLU C 167 -17.05 14.55 -21.22
N LYS C 168 -18.15 14.12 -20.60
CA LYS C 168 -19.12 15.02 -19.99
C LYS C 168 -18.57 15.63 -18.71
N THR C 169 -17.95 14.81 -17.85
CA THR C 169 -17.92 15.00 -16.41
C THR C 169 -16.56 15.31 -15.83
N ASN C 170 -15.48 15.13 -16.60
CA ASN C 170 -14.10 15.30 -16.15
C ASN C 170 -13.64 14.16 -15.23
N ARG C 171 -14.26 12.98 -15.33
CA ARG C 171 -14.15 12.06 -14.20
C ARG C 171 -14.21 10.60 -14.62
N PRO C 172 -13.65 9.71 -13.81
CA PRO C 172 -13.64 8.28 -14.11
C PRO C 172 -14.96 7.59 -13.80
N VAL C 173 -15.15 6.46 -14.47
CA VAL C 173 -16.35 5.64 -14.35
C VAL C 173 -15.93 4.19 -14.48
N ALA C 174 -16.73 3.28 -13.94
CA ALA C 174 -16.37 1.88 -13.91
C ALA C 174 -17.44 0.99 -14.55
N ILE C 175 -17.03 -0.19 -14.99
CA ILE C 175 -17.93 -1.26 -15.39
C ILE C 175 -17.55 -2.50 -14.61
N LEU C 176 -18.54 -3.34 -14.32
CA LEU C 176 -18.37 -4.45 -13.38
C LEU C 176 -18.72 -5.76 -14.05
N ILE C 177 -17.87 -6.76 -13.82
CA ILE C 177 -17.83 -7.98 -14.62
C ILE C 177 -17.88 -9.18 -13.69
N LYS C 178 -18.58 -10.23 -14.13
CA LYS C 178 -18.68 -11.49 -13.40
C LYS C 178 -19.42 -11.31 -12.07
N MET D 1 21.40 21.61 4.72
CA MET D 1 20.56 22.48 3.90
C MET D 1 19.09 22.28 4.23
N ASN D 2 18.25 23.21 3.79
CA ASN D 2 16.81 23.09 3.92
C ASN D 2 16.18 22.73 2.58
N LYS D 3 14.92 22.29 2.63
CA LYS D 3 14.26 21.75 1.44
C LYS D 3 14.27 22.76 0.31
N HIS D 4 14.11 24.05 0.63
CA HIS D 4 14.20 25.10 -0.38
C HIS D 4 15.48 24.98 -1.18
N ASP D 5 16.62 24.91 -0.49
CA ASP D 5 17.91 24.81 -1.16
C ASP D 5 18.04 23.51 -1.94
N ALA D 6 17.52 22.41 -1.38
CA ALA D 6 17.63 21.13 -2.07
C ALA D 6 16.90 21.15 -3.41
N ILE D 7 15.68 21.71 -3.43
CA ILE D 7 14.97 21.71 -4.69
C ILE D 7 15.48 22.82 -5.61
N GLN D 8 16.05 23.88 -5.06
CA GLN D 8 16.82 24.81 -5.90
C GLN D 8 17.93 24.08 -6.63
N LEU D 9 18.66 23.23 -5.91
CA LEU D 9 19.74 22.43 -6.50
C LEU D 9 19.23 21.53 -7.61
N ILE D 10 18.18 20.74 -7.33
CA ILE D 10 17.71 19.81 -8.35
C ILE D 10 17.18 20.58 -9.56
N LEU D 11 16.46 21.67 -9.35
CA LEU D 11 16.04 22.49 -10.49
C LEU D 11 17.25 22.98 -11.26
N GLY D 12 18.35 23.27 -10.54
CA GLY D 12 19.56 23.70 -11.21
C GLY D 12 20.12 22.64 -12.14
N GLN D 13 20.06 21.37 -11.75
CA GLN D 13 20.65 20.35 -12.62
C GLN D 13 19.68 19.79 -13.66
N PHE D 14 18.37 19.97 -13.48
CA PHE D 14 17.37 19.63 -14.49
C PHE D 14 16.46 20.83 -14.75
N PRO D 15 17.00 21.91 -15.33
CA PRO D 15 16.17 23.11 -15.53
C PRO D 15 15.01 22.91 -16.49
N SER D 16 15.11 22.00 -17.45
CA SER D 16 14.02 21.73 -18.39
C SER D 16 13.11 20.60 -17.95
N ALA D 17 13.29 20.08 -16.73
CA ALA D 17 12.55 18.90 -16.31
C ALA D 17 11.14 19.26 -15.89
N TYR D 18 10.23 18.29 -16.07
CA TYR D 18 8.82 18.42 -15.72
C TYR D 18 8.61 17.81 -14.35
N LEU D 19 8.37 18.67 -13.35
CA LEU D 19 8.30 18.24 -11.96
C LEU D 19 6.94 17.64 -11.64
N VAL D 20 6.93 16.71 -10.67
CA VAL D 20 5.71 16.17 -10.10
C VAL D 20 5.91 16.08 -8.59
N SER D 21 5.55 17.15 -7.88
CA SER D 21 5.83 17.23 -6.45
C SER D 21 4.79 16.48 -5.64
N THR D 22 5.21 15.98 -4.48
CA THR D 22 4.29 15.29 -3.58
C THR D 22 3.53 16.30 -2.74
N CYS D 23 2.49 15.82 -2.06
CA CYS D 23 1.67 16.69 -1.23
C CYS D 23 2.42 17.12 0.02
N GLY D 24 1.93 18.18 0.64
CA GLY D 24 2.53 18.68 1.86
C GLY D 24 3.45 19.87 1.63
N HIS D 25 4.43 20.02 2.53
CA HIS D 25 5.31 21.19 2.50
C HIS D 25 6.18 21.24 1.24
N ILE D 26 6.48 20.08 0.66
CA ILE D 26 7.39 20.04 -0.49
C ILE D 26 6.81 20.81 -1.66
N SER D 27 5.51 20.64 -1.90
CA SER D 27 4.84 21.41 -2.95
C SER D 27 4.93 22.90 -2.66
N ARG D 28 4.53 23.32 -1.46
CA ARG D 28 4.53 24.74 -1.12
C ARG D 28 5.91 25.35 -1.30
N ASP D 29 6.96 24.63 -0.91
CA ASP D 29 8.32 25.12 -1.08
C ASP D 29 8.69 25.23 -2.55
N LEU D 30 8.36 24.20 -3.33
CA LEU D 30 8.58 24.27 -4.78
C LEU D 30 7.94 25.51 -5.37
N TYR D 31 6.75 25.87 -4.89
CA TYR D 31 6.06 27.02 -5.48
C TYR D 31 6.70 28.33 -5.05
N ASN D 32 6.89 28.51 -3.75
CA ASN D 32 7.30 29.84 -3.30
C ASN D 32 8.75 30.12 -3.63
N ILE D 33 9.57 29.07 -3.74
CA ILE D 33 10.92 29.24 -4.29
C ILE D 33 10.83 29.78 -5.71
N ASN D 34 10.19 29.02 -6.60
CA ASN D 34 9.85 29.48 -7.95
C ASN D 34 8.88 28.50 -8.57
N ASP D 35 7.70 28.98 -8.91
CA ASP D 35 6.73 28.19 -9.65
C ASP D 35 7.04 28.23 -11.12
N ARG D 36 7.27 27.07 -11.70
CA ARG D 36 7.28 26.94 -13.14
C ARG D 36 5.99 26.26 -13.58
N ALA D 37 5.49 26.67 -14.76
CA ALA D 37 4.24 26.10 -15.27
C ALA D 37 4.27 24.58 -15.31
N ARG D 38 5.47 24.00 -15.45
CA ARG D 38 5.60 22.57 -15.66
C ARG D 38 5.69 21.79 -14.37
N ASN D 39 5.73 22.47 -13.25
CA ASN D 39 5.68 21.79 -11.96
C ASN D 39 4.27 21.25 -11.73
N PHE D 40 4.20 20.02 -11.21
CA PHE D 40 2.94 19.43 -10.78
C PHE D 40 2.88 19.48 -9.26
N TYR D 41 1.89 20.17 -8.73
CA TYR D 41 1.65 20.19 -7.30
C TYR D 41 0.54 19.20 -6.98
N MET D 42 0.72 18.46 -5.90
CA MET D 42 -0.25 17.46 -5.47
C MET D 42 -0.88 17.94 -4.18
N VAL D 43 -2.21 18.04 -4.17
CA VAL D 43 -2.98 18.25 -2.95
C VAL D 43 -3.47 16.88 -2.50
N GLY D 44 -3.08 16.49 -1.29
CA GLY D 44 -3.40 15.15 -0.83
C GLY D 44 -2.74 14.08 -1.68
N SER D 45 -3.28 12.86 -1.55
CA SER D 45 -2.84 11.70 -2.31
C SER D 45 -1.35 11.43 -2.07
N MET D 46 -1.01 11.26 -0.79
CA MET D 46 0.36 10.95 -0.41
C MET D 46 0.75 9.57 -0.93
N GLY D 47 1.95 9.49 -1.50
CA GLY D 47 2.42 8.25 -2.08
C GLY D 47 1.98 8.01 -3.50
N MET D 48 1.59 9.05 -4.22
CA MET D 48 1.08 8.92 -5.58
C MET D 48 1.88 9.70 -6.62
N ALA D 49 2.81 10.57 -6.20
CA ALA D 49 3.59 11.32 -7.17
C ALA D 49 4.40 10.38 -8.06
N ALA D 50 5.00 9.35 -7.46
CA ALA D 50 5.87 8.42 -8.18
C ALA D 50 5.11 7.58 -9.19
N PRO D 51 3.91 7.04 -8.87
CA PRO D 51 3.18 6.28 -9.91
C PRO D 51 2.75 7.11 -11.10
N VAL D 52 2.20 8.31 -10.87
CA VAL D 52 1.76 9.16 -11.98
C VAL D 52 2.98 9.66 -12.76
N GLY D 53 4.10 9.87 -12.08
CA GLY D 53 5.34 10.14 -12.80
C GLY D 53 5.77 8.96 -13.66
N LEU D 54 5.63 7.74 -13.14
CA LEU D 54 5.97 6.56 -13.94
C LEU D 54 5.08 6.48 -15.17
N GLY D 55 3.79 6.83 -15.03
CA GLY D 55 2.92 6.85 -16.19
C GLY D 55 3.35 7.88 -17.22
N LEU D 56 3.68 9.09 -16.75
CA LEU D 56 4.21 10.13 -17.63
C LEU D 56 5.46 9.65 -18.38
N SER D 57 6.40 9.01 -17.68
CA SER D 57 7.59 8.48 -18.35
C SER D 57 7.22 7.41 -19.36
N THR D 58 6.21 6.60 -19.04
CA THR D 58 5.85 5.51 -19.91
C THR D 58 5.34 6.02 -21.24
N VAL D 59 4.49 7.06 -21.21
CA VAL D 59 3.97 7.60 -22.46
C VAL D 59 5.02 8.46 -23.15
N TYR D 60 5.83 9.20 -22.38
CA TYR D 60 6.77 10.18 -22.92
C TYR D 60 8.18 9.81 -22.46
N PRO D 61 8.84 8.86 -23.12
CA PRO D 61 10.14 8.39 -22.62
C PRO D 61 11.26 9.41 -22.71
N ASP D 62 11.18 10.42 -23.56
CA ASP D 62 12.34 11.25 -23.87
C ASP D 62 12.34 12.59 -23.16
N VAL D 63 11.43 12.81 -22.24
CA VAL D 63 11.33 14.09 -21.52
C VAL D 63 11.82 13.88 -20.10
N PRO D 64 12.69 14.77 -19.58
CA PRO D 64 13.18 14.61 -18.21
C PRO D 64 12.09 14.93 -17.21
N LEU D 65 11.78 13.98 -16.35
CA LEU D 65 10.81 14.19 -15.29
C LEU D 65 11.41 13.76 -13.97
N VAL D 66 11.35 14.64 -12.98
CA VAL D 66 11.84 14.34 -11.66
C VAL D 66 10.64 14.36 -10.72
N VAL D 67 10.44 13.25 -10.03
CA VAL D 67 9.40 13.12 -9.03
C VAL D 67 9.99 13.52 -7.69
N LEU D 68 9.25 14.33 -6.94
CA LEU D 68 9.66 14.77 -5.62
C LEU D 68 8.88 13.99 -4.58
N ASP D 69 9.58 13.31 -3.69
CA ASP D 69 8.97 12.59 -2.58
C ASP D 69 9.67 13.00 -1.30
N GLY D 70 8.98 12.80 -0.17
CA GLY D 70 9.61 12.81 1.12
C GLY D 70 9.84 11.38 1.59
N ASP D 71 10.58 11.26 2.69
CA ASP D 71 10.77 9.93 3.29
C ASP D 71 9.43 9.29 3.63
N GLY D 72 8.49 10.09 4.14
CA GLY D 72 7.18 9.55 4.47
C GLY D 72 6.40 9.10 3.24
N SER D 73 6.32 9.96 2.23
CA SER D 73 5.61 9.60 1.01
C SER D 73 6.31 8.46 0.26
N PHE D 74 7.63 8.38 0.37
CA PHE D 74 8.35 7.27 -0.24
C PHE D 74 8.03 5.95 0.47
N LEU D 75 8.10 5.95 1.80
CA LEU D 75 7.81 4.74 2.56
C LEU D 75 6.35 4.32 2.40
N MET D 76 5.45 5.29 2.27
CA MET D 76 4.02 4.96 2.20
C MET D 76 3.68 4.10 1.00
N ASN D 77 4.46 4.22 -0.10
CA ASN D 77 4.25 3.45 -1.30
C ASN D 77 5.62 3.04 -1.86
N MET D 78 6.35 2.22 -1.08
CA MET D 78 7.71 1.88 -1.47
C MET D 78 7.74 0.92 -2.66
N GLY D 79 6.79 -0.01 -2.72
CA GLY D 79 6.79 -1.02 -3.77
C GLY D 79 6.77 -0.46 -5.18
N ILE D 80 6.40 0.81 -5.36
CA ILE D 80 6.43 1.42 -6.68
C ILE D 80 7.82 1.34 -7.29
N ILE D 81 8.87 1.33 -6.44
CA ILE D 81 10.22 1.26 -6.98
C ILE D 81 10.41 -0.03 -7.77
N THR D 82 9.78 -1.11 -7.33
CA THR D 82 9.91 -2.37 -8.06
C THR D 82 9.33 -2.24 -9.46
N MET D 83 8.33 -1.40 -9.63
CA MET D 83 7.84 -1.11 -10.96
C MET D 83 8.77 -0.14 -11.69
N ILE D 84 9.26 0.88 -10.97
CA ILE D 84 10.15 1.86 -11.61
C ILE D 84 11.43 1.18 -12.06
N GLY D 85 11.96 0.27 -11.23
CA GLY D 85 13.12 -0.51 -11.62
C GLY D 85 12.82 -1.55 -12.68
N HIS D 86 11.56 -1.96 -12.83
CA HIS D 86 11.23 -2.95 -13.85
C HIS D 86 11.03 -2.29 -15.21
N GLN D 87 10.28 -1.18 -15.25
CA GLN D 87 9.99 -0.53 -16.52
C GLN D 87 11.22 0.21 -17.05
N LYS D 88 12.09 0.65 -16.15
CA LYS D 88 13.33 1.36 -16.45
C LYS D 88 13.10 2.57 -17.34
N PRO D 89 12.38 3.59 -16.86
CA PRO D 89 12.25 4.83 -17.65
C PRO D 89 13.57 5.58 -17.70
N LYS D 90 14.05 5.84 -18.92
CA LYS D 90 15.41 6.33 -19.10
C LYS D 90 15.61 7.78 -18.68
N ASN D 91 14.53 8.56 -18.53
CA ASN D 91 14.65 9.95 -18.09
C ASN D 91 13.85 10.23 -16.83
N PHE D 92 13.58 9.20 -16.04
CA PHE D 92 12.90 9.33 -14.76
C PHE D 92 13.93 9.53 -13.66
N ILE D 93 13.76 10.59 -12.88
CA ILE D 93 14.61 10.86 -11.74
C ILE D 93 13.73 10.92 -10.50
N HIS D 94 14.13 10.19 -9.45
CA HIS D 94 13.32 9.98 -8.26
C HIS D 94 14.05 10.62 -7.08
N VAL D 95 13.52 11.74 -6.58
CA VAL D 95 14.17 12.47 -5.49
C VAL D 95 13.43 12.17 -4.20
N VAL D 96 14.18 11.90 -3.14
CA VAL D 96 13.62 11.66 -1.83
C VAL D 96 14.30 12.63 -0.87
N LEU D 97 13.54 13.62 -0.40
CA LEU D 97 14.01 14.55 0.63
C LEU D 97 13.60 14.00 1.99
N ASP D 98 14.60 13.75 2.84
CA ASP D 98 14.40 12.97 4.05
C ASP D 98 14.84 13.77 5.27
N ASN D 99 14.06 13.66 6.34
CA ASN D 99 14.38 14.28 7.62
C ASN D 99 14.45 13.18 8.68
N GLY D 100 15.63 13.02 9.28
CA GLY D 100 15.82 12.04 10.33
C GLY D 100 16.20 12.67 11.65
N MET D 101 15.91 12.00 12.76
CA MET D 101 16.20 12.54 14.09
C MET D 101 17.15 11.64 14.87
N ARG D 109 9.86 7.51 16.72
CA ARG D 109 9.12 8.66 16.24
C ARG D 109 8.51 8.37 14.88
N THR D 110 9.35 7.90 13.97
CA THR D 110 8.94 7.58 12.60
C THR D 110 9.69 6.34 12.15
N VAL D 111 9.18 5.71 11.10
CA VAL D 111 9.89 4.58 10.50
C VAL D 111 11.07 5.15 9.73
N PRO D 112 12.30 4.79 10.07
CA PRO D 112 13.46 5.38 9.40
C PRO D 112 13.67 4.81 8.00
N LEU D 113 14.01 5.68 7.07
CA LEU D 113 14.38 5.29 5.71
C LEU D 113 15.85 4.91 5.69
N VAL D 114 16.15 3.64 5.43
CA VAL D 114 17.48 3.08 5.60
C VAL D 114 17.96 2.51 4.27
N ASN D 115 19.18 2.89 3.87
CA ASN D 115 19.86 2.29 2.72
C ASN D 115 18.99 2.36 1.46
N VAL D 116 18.36 3.51 1.25
CA VAL D 116 17.44 3.66 0.12
C VAL D 116 18.17 3.55 -1.22
N THR D 117 19.42 4.04 -1.30
CA THR D 117 20.13 3.97 -2.57
C THR D 117 20.44 2.52 -2.94
N ASP D 118 20.94 1.74 -1.97
CA ASP D 118 21.18 0.33 -2.22
C ASP D 118 19.91 -0.38 -2.68
N ILE D 119 18.78 -0.08 -2.03
CA ILE D 119 17.54 -0.78 -2.34
C ILE D 119 17.06 -0.42 -3.75
N ALA D 120 17.14 0.87 -4.09
CA ALA D 120 16.75 1.29 -5.44
C ALA D 120 17.64 0.63 -6.49
N LEU D 121 18.92 0.49 -6.19
CA LEU D 121 19.80 -0.22 -7.13
C LEU D 121 19.44 -1.70 -7.21
N GLN D 122 19.04 -2.30 -6.08
CA GLN D 122 18.70 -3.71 -6.07
C GLN D 122 17.43 -4.01 -6.86
N VAL D 123 16.48 -3.07 -6.91
CA VAL D 123 15.26 -3.29 -7.68
C VAL D 123 15.37 -2.91 -9.15
N GLY D 124 16.49 -2.32 -9.57
CA GLY D 124 16.74 -2.11 -10.99
C GLY D 124 16.98 -0.67 -11.43
N TYR D 125 17.01 0.31 -10.52
CA TYR D 125 17.36 1.66 -10.92
C TYR D 125 18.74 1.68 -11.56
N GLU D 126 18.94 2.63 -12.49
CA GLU D 126 20.24 2.76 -13.13
C GLU D 126 21.26 3.35 -12.17
N TYR D 127 20.85 4.30 -11.34
CA TYR D 127 21.76 4.84 -10.35
C TYR D 127 20.95 5.33 -9.16
N ALA D 128 21.64 5.49 -8.04
CA ALA D 128 21.02 5.95 -6.81
C ALA D 128 22.10 6.63 -5.98
N ILE D 129 21.93 7.93 -5.73
CA ILE D 129 22.98 8.71 -5.10
C ILE D 129 22.39 9.50 -3.94
N GLU D 130 23.27 9.88 -3.01
CA GLU D 130 22.91 10.70 -1.87
C GLU D 130 23.73 11.99 -1.91
N ILE D 131 23.07 13.12 -1.73
CA ILE D 131 23.71 14.43 -1.76
C ILE D 131 23.60 15.03 -0.37
N ASN D 132 24.73 15.17 0.31
CA ASN D 132 24.80 16.05 1.47
C ASN D 132 25.20 17.45 1.00
N SER D 133 25.06 18.42 1.90
CA SER D 133 25.21 19.81 1.51
C SER D 133 26.66 20.21 1.28
N GLY D 134 27.62 19.39 1.70
CA GLY D 134 29.02 19.76 1.54
C GLY D 134 29.48 19.71 0.10
N GLN D 135 29.19 18.61 -0.59
CA GLN D 135 29.67 18.42 -1.94
C GLN D 135 29.02 19.41 -2.90
N LYS D 136 29.80 19.88 -3.88
CA LYS D 136 29.31 20.78 -4.91
C LYS D 136 29.40 20.20 -6.31
N SER D 137 29.84 18.94 -6.45
CA SER D 137 29.95 18.29 -7.74
C SER D 137 28.82 17.29 -7.98
N PHE D 138 28.70 16.29 -7.10
CA PHE D 138 27.72 15.20 -7.18
C PHE D 138 27.46 14.74 -8.62
N ASP D 139 28.46 14.11 -9.25
CA ASP D 139 28.36 13.71 -10.64
C ASP D 139 27.18 12.78 -10.89
N LEU D 140 26.17 13.27 -11.60
CA LEU D 140 24.96 12.51 -11.88
C LEU D 140 25.14 11.69 -13.15
N PRO D 141 24.99 10.36 -13.09
CA PRO D 141 25.06 9.57 -14.32
C PRO D 141 24.00 10.02 -15.32
N ASN D 142 24.35 9.94 -16.60
CA ASN D 142 23.51 10.46 -17.68
C ASN D 142 22.45 9.46 -18.16
N GLU D 143 21.76 8.77 -17.25
CA GLU D 143 20.69 7.86 -17.64
C GLU D 143 19.90 7.47 -16.40
N GLY D 144 18.63 7.11 -16.62
CA GLY D 144 17.74 6.77 -15.53
C GLY D 144 17.24 5.34 -15.61
N PRO D 145 16.40 4.94 -14.63
CA PRO D 145 15.94 5.72 -13.49
C PRO D 145 17.02 6.02 -12.46
N GLY D 146 17.01 7.22 -11.92
CA GLY D 146 17.98 7.64 -10.91
C GLY D 146 17.28 8.09 -9.65
N LEU D 147 17.85 7.72 -8.50
CA LEU D 147 17.33 8.14 -7.21
C LEU D 147 18.35 9.05 -6.55
N ILE D 148 17.89 10.22 -6.11
CA ILE D 148 18.75 11.18 -5.43
C ILE D 148 18.17 11.39 -4.04
N HIS D 149 18.97 11.08 -3.02
CA HIS D 149 18.53 11.06 -1.63
C HIS D 149 19.16 12.25 -0.93
N ILE D 150 18.37 13.30 -0.71
CA ILE D 150 18.85 14.53 -0.10
C ILE D 150 18.29 14.58 1.32
N LYS D 151 19.07 14.10 2.29
CA LYS D 151 18.76 14.30 3.69
C LYS D 151 18.84 15.79 4.01
N VAL D 152 17.84 16.29 4.73
CA VAL D 152 17.62 17.72 4.83
C VAL D 152 17.33 18.10 6.28
N GLU D 153 17.82 19.29 6.69
CA GLU D 153 17.52 19.84 8.00
C GLU D 153 16.52 20.98 7.86
N PRO D 154 15.28 20.82 8.36
CA PRO D 154 14.23 21.83 8.26
C PRO D 154 14.51 23.06 9.12
N ILE D 159 6.61 29.45 8.07
CA ILE D 159 6.85 30.34 6.95
C ILE D 159 5.92 29.97 5.81
N GLY D 160 6.21 30.49 4.62
CA GLY D 160 5.61 29.93 3.42
C GLY D 160 4.28 30.57 3.05
N LYS D 161 4.05 30.66 1.75
CA LYS D 161 2.79 31.13 1.20
C LYS D 161 1.98 29.90 0.78
N ARG D 162 0.76 29.78 1.30
CA ARG D 162 -0.24 28.89 0.72
C ARG D 162 -0.16 28.96 -0.81
N VAL D 163 -0.08 27.83 -1.51
CA VAL D 163 -0.16 27.98 -2.96
C VAL D 163 -1.59 28.28 -3.34
N HIS D 164 -1.73 29.24 -4.25
CA HIS D 164 -3.03 29.78 -4.59
C HIS D 164 -3.44 29.37 -5.99
N TRP D 165 -3.46 28.06 -6.29
CA TRP D 165 -3.99 27.58 -7.56
C TRP D 165 -4.72 26.26 -7.39
N THR D 166 -5.96 26.20 -7.91
CA THR D 166 -6.82 25.04 -7.76
C THR D 166 -6.30 23.93 -8.67
N PRO D 167 -6.71 22.67 -8.40
CA PRO D 167 -6.17 21.53 -9.16
C PRO D 167 -6.26 21.65 -10.67
N GLN D 168 -7.37 22.17 -11.23
CA GLN D 168 -7.43 22.26 -12.68
C GLN D 168 -6.56 23.40 -13.23
N GLU D 169 -6.30 24.46 -12.47
CA GLU D 169 -5.25 25.39 -12.89
C GLU D 169 -3.96 24.62 -13.14
N ILE D 170 -3.56 23.84 -12.13
CA ILE D 170 -2.28 23.14 -12.17
C ILE D 170 -2.24 22.18 -13.36
N VAL D 171 -3.33 21.45 -13.60
CA VAL D 171 -3.26 20.48 -14.70
C VAL D 171 -3.28 21.18 -16.06
N GLN D 172 -4.05 22.26 -16.23
CA GLN D 172 -4.01 22.95 -17.53
C GLN D 172 -2.60 23.48 -17.78
N ARG D 173 -2.05 24.24 -16.82
CA ARG D 173 -0.67 24.72 -16.92
C ARG D 173 0.28 23.60 -17.28
N PHE D 174 0.10 22.43 -16.65
CA PHE D 174 1.02 21.32 -16.85
C PHE D 174 0.89 20.73 -18.25
N THR D 175 -0.28 20.18 -18.57
CA THR D 175 -0.42 19.38 -19.79
C THR D 175 -0.26 20.21 -21.06
N ASN D 176 -0.52 21.53 -21.01
CA ASN D 176 -0.34 22.34 -22.23
C ASN D 176 1.08 22.23 -22.76
N GLU D 177 2.07 22.53 -21.93
CA GLU D 177 3.47 22.55 -22.36
C GLU D 177 3.89 21.21 -22.93
N LEU D 178 3.44 20.12 -22.29
CA LEU D 178 3.78 18.77 -22.71
C LEU D 178 3.21 18.44 -24.08
N THR D 179 1.93 18.74 -24.29
CA THR D 179 1.33 18.48 -25.58
C THR D 179 2.02 19.27 -26.68
N LEU D 180 2.48 20.47 -26.37
CA LEU D 180 3.16 21.26 -27.39
C LEU D 180 4.48 20.65 -27.84
N GLU D 181 5.19 19.97 -26.95
CA GLU D 181 6.62 19.82 -27.15
C GLU D 181 6.97 18.65 -28.09
N ASN D 182 6.20 17.56 -28.08
CA ASN D 182 6.46 16.51 -29.06
C ASN D 182 6.20 17.03 -30.47
N GLU D 183 5.15 17.81 -30.64
CA GLU D 183 4.83 18.47 -31.91
C GLU D 183 5.99 19.35 -32.37
S SO4 E . 17.49 -13.57 -4.16
O1 SO4 E . 17.91 -12.48 -3.28
O2 SO4 E . 16.97 -14.67 -3.36
O3 SO4 E . 16.44 -13.08 -5.06
O4 SO4 E . 18.64 -14.03 -4.94
S SO4 F . 0.51 -15.04 -3.58
O1 SO4 F . -0.43 -15.39 -2.51
O2 SO4 F . 1.30 -16.22 -3.93
O3 SO4 F . -0.22 -14.58 -4.76
O4 SO4 F . 1.39 -13.98 -3.11
S SO4 G . 1.18 -26.29 -5.58
O1 SO4 G . 0.54 -24.97 -5.57
O2 SO4 G . 1.18 -26.83 -4.23
O3 SO4 G . 0.44 -27.18 -6.46
O4 SO4 G . 2.55 -26.16 -6.05
S SO4 H . -1.49 -28.19 17.03
O1 SO4 H . -1.73 -28.33 18.46
O2 SO4 H . -0.48 -29.15 16.60
O3 SO4 H . -2.75 -28.44 16.31
O4 SO4 H . -1.02 -26.83 16.75
S SO4 I . 21.40 6.14 1.87
O1 SO4 I . 20.40 6.64 2.81
O2 SO4 I . 22.43 5.40 2.61
O3 SO4 I . 20.76 5.23 0.91
O4 SO4 I . 22.00 7.25 1.14
S SO4 J . 6.90 13.92 3.46
O1 SO4 J . 5.99 14.41 4.49
O2 SO4 J . 7.55 12.70 3.92
O3 SO4 J . 6.16 13.66 2.24
O4 SO4 J . 7.92 14.93 3.19
S SO4 K . 12.13 23.50 5.04
O1 SO4 K . 13.08 23.67 3.94
O2 SO4 K . 12.32 24.57 6.01
O3 SO4 K . 10.77 23.55 4.52
O4 SO4 K . 12.36 22.21 5.69
#